data_3LKU
#
_entry.id   3LKU
#
_cell.length_a   108.733
_cell.length_b   108.733
_cell.length_c   169.811
_cell.angle_alpha   90.00
_cell.angle_beta   90.00
_cell.angle_gamma   120.00
#
_symmetry.space_group_name_H-M   'P 31 2 1'
#
loop_
_entity.id
_entity.type
_entity.pdbx_description
1 polymer 'UPF0363 protein YOR164C'
2 polymer 'Ubiquitin-like protein MDY2'
3 non-polymer PROLINE
4 water water
#
loop_
_entity_poly.entity_id
_entity_poly.type
_entity_poly.pdbx_seq_one_letter_code
_entity_poly.pdbx_strand_id
1 'polypeptide(L)'
;(MSE)GAKLAKTLQRFENKIKAGDYYEAHQTLRTIANRYVRSKSYEHAIELISQGALSFLKAKQGGSGTDLIFYLLEVYD
LAEVKVDDISVARLVRLIAELDPSEPNLKDVITG(MSE)NNWSIKFSEYKFGDPYLHNTIGSKLLEGDFVYEAERYF
(MSE)LGTHDS(MSE)IKYVDLLWDWLCQVDDIEDSTVAEFFSRLVFNYLFISNISFAHESKDIFLERFIEKFHPKYEKI
DKNGYEIVFFEDYSDLNFLQLLLITCQTKDKSYFLNLKNHYLDFSQAYKSELEFLGQEYFNIVAPKQTNFL
;
A,C,E
2 'polypeptide(L)' TSASGPEHEFVSKFLTLATLTEPKLPKSYTKPLKDVTNLGVPLPTLKYKYKQNR B,D,F
#
# COMPACT_ATOMS: atom_id res chain seq x y z
N ALA A 6 27.80 16.14 -16.67
CA ALA A 6 27.49 14.83 -17.30
C ALA A 6 28.73 14.26 -17.98
N LYS A 7 29.54 15.14 -18.56
CA LYS A 7 30.72 14.71 -19.31
C LYS A 7 31.88 14.22 -18.42
N THR A 8 32.20 14.99 -17.36
CA THR A 8 33.25 14.56 -16.43
C THR A 8 32.84 13.43 -15.47
N LEU A 9 31.54 13.13 -15.39
CA LEU A 9 31.06 11.91 -14.73
C LEU A 9 31.49 10.64 -15.47
N GLN A 10 31.58 10.72 -16.80
CA GLN A 10 32.10 9.65 -17.63
C GLN A 10 33.61 9.45 -17.49
N ARG A 11 34.40 10.53 -17.63
CA ARG A 11 35.84 10.47 -17.40
C ARG A 11 36.16 9.88 -16.03
N PHE A 12 35.33 10.25 -15.05
CA PHE A 12 35.44 9.75 -13.69
C PHE A 12 35.19 8.25 -13.59
N GLU A 13 34.06 7.77 -14.11
CA GLU A 13 33.75 6.34 -13.99
C GLU A 13 34.54 5.45 -14.95
N ASN A 14 35.29 6.08 -15.85
CA ASN A 14 36.35 5.40 -16.59
C ASN A 14 37.50 5.10 -15.65
N LYS A 15 37.97 6.14 -14.98
CA LYS A 15 39.06 6.02 -14.01
C LYS A 15 38.70 5.03 -12.88
N ILE A 16 37.40 4.84 -12.63
CA ILE A 16 36.94 3.90 -11.61
C ILE A 16 36.88 2.44 -12.10
N LYS A 17 36.49 2.23 -13.35
CA LYS A 17 36.58 0.89 -13.95
C LYS A 17 38.03 0.44 -14.09
N ALA A 18 38.91 1.40 -14.39
CA ALA A 18 40.35 1.14 -14.52
C ALA A 18 41.02 0.84 -13.19
N GLY A 19 40.33 1.16 -12.09
CA GLY A 19 40.89 1.01 -10.74
C GLY A 19 41.87 2.10 -10.34
N ASP A 20 41.85 3.23 -11.05
CA ASP A 20 42.65 4.42 -10.71
C ASP A 20 41.91 5.24 -9.65
N TYR A 21 41.92 4.75 -8.44
CA TYR A 21 41.06 5.31 -7.42
C TYR A 21 41.50 6.68 -6.94
N TYR A 22 42.81 6.85 -6.72
CA TYR A 22 43.31 8.17 -6.32
C TYR A 22 43.07 9.23 -7.38
N GLU A 23 43.24 8.91 -8.66
CA GLU A 23 43.02 9.89 -9.74
C GLU A 23 41.55 10.26 -9.83
N ALA A 24 40.70 9.26 -9.79
CA ALA A 24 39.25 9.46 -9.79
C ALA A 24 38.85 10.40 -8.66
N HIS A 25 39.29 10.06 -7.45
CA HIS A 25 38.96 10.87 -6.27
C HIS A 25 39.44 12.30 -6.40
N GLN A 26 40.73 12.45 -6.69
CA GLN A 26 41.39 13.76 -6.77
C GLN A 26 40.79 14.67 -7.84
N THR A 27 40.56 14.12 -9.03
CA THR A 27 39.96 14.84 -10.15
C THR A 27 38.57 15.34 -9.83
N LEU A 28 37.74 14.44 -9.29
CA LEU A 28 36.36 14.79 -8.94
C LEU A 28 36.33 15.91 -7.91
N ARG A 29 37.20 15.81 -6.90
CA ARG A 29 37.26 16.82 -5.85
C ARG A 29 37.63 18.21 -6.37
N THR A 30 38.66 18.30 -7.23
CA THR A 30 39.05 19.61 -7.76
C THR A 30 37.97 20.18 -8.69
N ILE A 31 37.27 19.31 -9.42
CA ILE A 31 36.14 19.73 -10.24
C ILE A 31 34.94 20.15 -9.37
N ALA A 32 34.74 19.42 -8.27
CA ALA A 32 33.68 19.77 -7.33
C ALA A 32 33.98 21.10 -6.63
N ASN A 33 35.25 21.31 -6.28
CA ASN A 33 35.66 22.56 -5.67
C ASN A 33 35.26 23.75 -6.51
N ARG A 34 35.49 23.65 -7.82
CA ARG A 34 35.20 24.73 -8.76
C ARG A 34 33.71 25.08 -8.80
N TYR A 35 32.85 24.06 -8.72
CA TYR A 35 31.41 24.31 -8.63
C TYR A 35 31.03 25.01 -7.31
N VAL A 36 31.63 24.58 -6.20
CA VAL A 36 31.38 25.19 -4.89
C VAL A 36 31.88 26.65 -4.87
N ARG A 37 33.05 26.86 -5.49
CA ARG A 37 33.69 28.16 -5.57
C ARG A 37 32.76 29.16 -6.24
N SER A 38 32.16 28.76 -7.35
CA SER A 38 31.26 29.65 -8.08
C SER A 38 29.80 29.51 -7.64
N LYS A 39 29.58 28.92 -6.47
CA LYS A 39 28.24 28.86 -5.81
C LYS A 39 27.19 28.08 -6.58
N SER A 40 27.64 27.18 -7.46
CA SER A 40 26.75 26.26 -8.20
C SER A 40 26.56 24.98 -7.40
N TYR A 41 25.81 25.10 -6.31
CA TYR A 41 25.75 24.05 -5.29
C TYR A 41 25.07 22.77 -5.76
N GLU A 42 24.01 22.91 -6.55
CA GLU A 42 23.30 21.75 -7.11
C GLU A 42 24.21 20.88 -7.97
N HIS A 43 25.06 21.51 -8.78
CA HIS A 43 26.07 20.79 -9.56
C HIS A 43 27.07 20.03 -8.67
N ALA A 44 27.58 20.69 -7.64
CA ALA A 44 28.52 20.05 -6.70
C ALA A 44 27.85 18.89 -5.99
N ILE A 45 26.61 19.12 -5.54
CA ILE A 45 25.83 18.09 -4.88
C ILE A 45 25.66 16.85 -5.78
N GLU A 46 25.23 17.03 -7.03
CA GLU A 46 25.07 15.88 -7.94
C GLU A 46 26.40 15.18 -8.23
N LEU A 47 27.45 15.94 -8.48
CA LEU A 47 28.77 15.37 -8.77
C LEU A 47 29.29 14.59 -7.57
N ILE A 48 29.33 15.23 -6.41
CA ILE A 48 29.87 14.61 -5.20
C ILE A 48 29.12 13.34 -4.80
N SER A 49 27.78 13.40 -4.79
CA SER A 49 27.01 12.24 -4.34
C SER A 49 27.12 11.09 -5.32
N GLN A 50 27.06 11.39 -6.60
CA GLN A 50 27.27 10.38 -7.63
C GLN A 50 28.65 9.74 -7.47
N GLY A 51 29.65 10.59 -7.25
CA GLY A 51 31.01 10.14 -7.01
C GLY A 51 31.12 9.21 -5.81
N ALA A 52 30.46 9.58 -4.73
CA ALA A 52 30.47 8.78 -3.52
C ALA A 52 29.84 7.41 -3.81
N LEU A 53 28.76 7.43 -4.58
CA LEU A 53 28.01 6.23 -4.87
C LEU A 53 28.85 5.21 -5.61
N SER A 54 29.62 5.65 -6.60
CA SER A 54 30.36 4.69 -7.41
C SER A 54 31.63 4.21 -6.73
N PHE A 55 32.11 4.96 -5.75
CA PHE A 55 33.21 4.45 -4.94
C PHE A 55 32.69 3.34 -4.05
N LEU A 56 31.50 3.54 -3.51
CA LEU A 56 30.89 2.55 -2.61
C LEU A 56 30.48 1.28 -3.37
N LYS A 57 29.96 1.47 -4.57
CA LYS A 57 29.61 0.33 -5.42
C LYS A 57 30.87 -0.42 -5.80
N ALA A 58 31.98 0.30 -5.97
CA ALA A 58 33.27 -0.31 -6.30
C ALA A 58 34.02 -0.86 -5.07
N LYS A 59 33.33 -0.93 -3.93
CA LYS A 59 33.90 -1.38 -2.65
C LYS A 59 35.12 -0.55 -2.18
N GLN A 60 35.13 0.74 -2.54
CA GLN A 60 36.15 1.67 -2.07
C GLN A 60 35.62 2.51 -0.92
N GLY A 61 35.44 1.86 0.22
CA GLY A 61 34.87 2.48 1.39
C GLY A 61 35.50 3.82 1.77
N GLY A 62 36.82 3.89 1.78
CA GLY A 62 37.52 5.09 2.26
C GLY A 62 37.19 6.34 1.46
N SER A 63 37.25 6.23 0.14
CA SER A 63 37.03 7.37 -0.74
C SER A 63 35.55 7.76 -0.83
N GLY A 64 34.66 6.76 -0.79
CA GLY A 64 33.21 7.00 -0.82
C GLY A 64 32.74 7.67 0.46
N THR A 65 33.25 7.17 1.57
CA THR A 65 33.06 7.77 2.87
C THR A 65 33.54 9.22 2.90
N ASP A 66 34.76 9.47 2.41
CA ASP A 66 35.30 10.84 2.33
C ASP A 66 34.37 11.72 1.52
N LEU A 67 33.87 11.21 0.40
CA LEU A 67 32.95 11.99 -0.42
C LEU A 67 31.58 12.23 0.23
N ILE A 68 31.12 11.29 1.08
CA ILE A 68 29.91 11.53 1.85
C ILE A 68 30.11 12.72 2.80
N PHE A 69 31.29 12.78 3.46
CA PHE A 69 31.59 13.91 4.33
C PHE A 69 31.70 15.20 3.55
N TYR A 70 32.24 15.13 2.34
CA TYR A 70 32.34 16.29 1.46
C TYR A 70 30.94 16.77 1.12
N LEU A 71 30.06 15.83 0.75
CA LEU A 71 28.66 16.16 0.48
C LEU A 71 28.03 16.89 1.68
N LEU A 72 28.23 16.37 2.88
CA LEU A 72 27.67 16.98 4.09
C LEU A 72 28.24 18.36 4.37
N GLU A 73 29.51 18.56 4.01
CA GLU A 73 30.15 19.88 4.11
C GLU A 73 29.46 20.86 3.18
N VAL A 74 29.15 20.45 1.96
CA VAL A 74 28.48 21.32 1.02
C VAL A 74 27.01 21.54 1.45
N TYR A 75 26.33 20.46 1.82
CA TYR A 75 24.99 20.57 2.41
C TYR A 75 24.95 21.70 3.47
N ASP A 76 25.97 21.73 4.33
CA ASP A 76 26.07 22.72 5.39
C ASP A 76 26.36 24.11 4.87
N LEU A 77 27.23 24.16 3.87
CA LEU A 77 27.65 25.39 3.24
C LEU A 77 26.49 26.05 2.52
N ALA A 78 25.76 25.25 1.74
CA ALA A 78 24.66 25.74 0.92
C ALA A 78 23.36 25.84 1.71
N GLU A 79 23.42 25.52 3.00
CA GLU A 79 22.25 25.57 3.90
C GLU A 79 21.05 24.76 3.40
N VAL A 80 21.37 23.57 2.88
CA VAL A 80 20.40 22.64 2.31
C VAL A 80 19.46 22.14 3.40
N LYS A 81 18.19 22.53 3.31
CA LYS A 81 17.18 22.16 4.29
C LYS A 81 16.76 20.71 4.16
N VAL A 82 16.38 20.10 5.27
CA VAL A 82 15.88 18.74 5.24
C VAL A 82 14.55 18.69 4.53
N ASP A 83 14.53 17.98 3.39
CA ASP A 83 13.29 17.69 2.68
C ASP A 83 13.44 16.34 1.98
N ASP A 84 12.46 15.97 1.18
CA ASP A 84 12.44 14.64 0.55
C ASP A 84 13.67 14.40 -0.34
N ILE A 85 14.03 15.40 -1.16
CA ILE A 85 15.17 15.29 -2.08
C ILE A 85 16.52 15.28 -1.36
N SER A 86 16.64 16.14 -0.34
CA SER A 86 17.81 16.18 0.55
C SER A 86 18.12 14.83 1.16
N VAL A 87 17.08 14.21 1.70
CA VAL A 87 17.21 12.99 2.47
C VAL A 87 17.41 11.77 1.57
N ALA A 88 16.72 11.74 0.42
CA ALA A 88 16.84 10.63 -0.50
C ALA A 88 18.28 10.45 -1.02
N ARG A 89 19.02 11.55 -1.22
CA ARG A 89 20.44 11.43 -1.60
C ARG A 89 21.23 10.68 -0.54
N LEU A 90 20.90 10.93 0.73
CA LEU A 90 21.59 10.30 1.81
C LEU A 90 21.13 8.86 1.95
N VAL A 91 19.84 8.62 1.71
CA VAL A 91 19.28 7.26 1.80
C VAL A 91 19.91 6.36 0.74
N ARG A 92 20.00 6.88 -0.49
CA ARG A 92 20.58 6.16 -1.60
C ARG A 92 22.04 5.77 -1.26
N LEU A 93 22.77 6.70 -0.63
CA LEU A 93 24.15 6.43 -0.20
C LEU A 93 24.25 5.41 0.94
N ILE A 94 23.42 5.57 1.97
CA ILE A 94 23.41 4.63 3.09
C ILE A 94 23.22 3.19 2.59
N ALA A 95 22.39 3.01 1.57
CA ALA A 95 22.17 1.70 0.97
C ALA A 95 23.48 1.00 0.54
N GLU A 96 24.38 1.77 -0.08
CA GLU A 96 25.64 1.19 -0.61
C GLU A 96 26.77 1.07 0.40
N LEU A 97 26.55 1.50 1.64
CA LEU A 97 27.56 1.42 2.68
C LEU A 97 27.71 0.02 3.20
N ASP A 98 28.93 -0.50 3.19
CA ASP A 98 29.22 -1.78 3.81
C ASP A 98 28.98 -1.59 5.31
N PRO A 99 28.17 -2.49 5.93
CA PRO A 99 27.90 -2.48 7.37
C PRO A 99 29.19 -2.56 8.20
N SER A 100 30.26 -3.02 7.56
CA SER A 100 31.56 -3.20 8.20
C SER A 100 32.48 -1.99 8.12
N GLU A 101 32.16 -1.02 7.26
CA GLU A 101 32.98 0.19 7.14
C GLU A 101 33.41 0.66 8.52
N PRO A 102 34.73 0.85 8.71
CA PRO A 102 35.26 1.25 10.02
C PRO A 102 34.65 2.56 10.52
N ASN A 103 34.25 3.45 9.62
CA ASN A 103 33.66 4.72 10.09
C ASN A 103 32.16 4.84 9.87
N LEU A 104 31.48 3.71 9.75
CA LEU A 104 30.03 3.70 9.58
C LEU A 104 29.32 4.65 10.55
N LYS A 105 29.60 4.49 11.84
CA LYS A 105 28.97 5.31 12.88
C LYS A 105 29.28 6.81 12.77
N ASP A 106 30.51 7.14 12.34
CA ASP A 106 30.88 8.53 12.04
C ASP A 106 30.07 9.12 10.89
N VAL A 107 29.89 8.33 9.84
CA VAL A 107 29.12 8.77 8.67
C VAL A 107 27.67 8.99 9.05
N ILE A 108 27.13 8.05 9.83
CA ILE A 108 25.77 8.12 10.33
C ILE A 108 25.56 9.36 11.20
N THR A 109 26.48 9.61 12.11
CA THR A 109 26.41 10.77 12.98
C THR A 109 26.49 12.07 12.14
N GLY A 110 27.35 12.07 11.13
CA GLY A 110 27.44 13.19 10.22
C GLY A 110 26.12 13.50 9.53
N MSE A 111 25.53 12.46 8.93
CA MSE A 111 24.23 12.60 8.29
C MSE A 111 23.17 13.06 9.28
O MSE A 111 22.45 14.02 9.01
CB MSE A 111 23.81 11.31 7.64
CG MSE A 111 24.62 10.95 6.43
SE MSE A 111 24.00 9.23 5.83
CE MSE A 111 24.69 8.14 7.35
N ASN A 112 23.09 12.39 10.43
CA ASN A 112 22.07 12.73 11.40
C ASN A 112 22.23 14.16 11.88
N ASN A 113 23.44 14.53 12.26
CA ASN A 113 23.73 15.91 12.68
C ASN A 113 23.37 17.01 11.69
N TRP A 114 23.55 16.76 10.39
CA TRP A 114 23.05 17.69 9.39
C TRP A 114 21.51 17.76 9.49
N SER A 115 20.86 16.63 9.66
CA SER A 115 19.41 16.62 9.71
C SER A 115 18.86 17.27 10.96
N ILE A 116 19.65 17.30 12.04
CA ILE A 116 19.26 18.03 13.24
C ILE A 116 19.33 19.51 12.95
N LYS A 117 20.47 19.98 12.47
CA LYS A 117 20.72 21.40 12.21
C LYS A 117 19.73 22.05 11.26
N PHE A 118 19.27 21.30 10.26
CA PHE A 118 18.41 21.87 9.21
C PHE A 118 16.97 21.34 9.19
N SER A 119 16.45 21.00 10.38
CA SER A 119 15.06 20.64 10.55
C SER A 119 14.64 21.03 11.95
N GLU A 120 13.41 20.72 12.32
CA GLU A 120 12.92 21.05 13.66
C GLU A 120 12.90 19.84 14.58
N TYR A 121 13.52 18.75 14.17
CA TYR A 121 13.68 17.53 14.98
C TYR A 121 14.95 17.61 15.86
N LYS A 122 14.80 17.51 17.17
CA LYS A 122 15.94 17.54 18.07
C LYS A 122 16.92 16.43 17.77
N PHE A 123 16.40 15.28 17.36
CA PHE A 123 17.23 14.10 17.15
C PHE A 123 17.40 13.66 15.70
N GLY A 124 16.87 14.44 14.78
CA GLY A 124 17.08 14.17 13.37
C GLY A 124 15.84 13.76 12.65
N ASP A 125 15.91 13.78 11.32
CA ASP A 125 14.77 13.45 10.47
C ASP A 125 14.36 11.99 10.68
N PRO A 126 13.05 11.73 10.87
CA PRO A 126 12.55 10.36 11.08
C PRO A 126 12.75 9.46 9.86
N TYR A 127 12.49 9.98 8.66
CA TYR A 127 12.61 9.18 7.47
C TYR A 127 14.06 8.71 7.25
N LEU A 128 15.01 9.62 7.51
CA LEU A 128 16.43 9.29 7.52
C LEU A 128 16.78 8.20 8.56
N HIS A 129 16.19 8.34 9.74
CA HIS A 129 16.39 7.39 10.83
C HIS A 129 15.93 5.97 10.44
N ASN A 130 14.90 5.88 9.60
CA ASN A 130 14.40 4.60 9.17
C ASN A 130 15.47 3.85 8.39
N THR A 131 16.18 4.54 7.50
CA THR A 131 17.23 3.91 6.73
C THR A 131 18.48 3.63 7.57
N ILE A 132 18.88 4.60 8.39
CA ILE A 132 20.04 4.41 9.28
C ILE A 132 19.85 3.18 10.16
N GLY A 133 18.65 3.07 10.73
CA GLY A 133 18.29 1.94 11.57
C GLY A 133 18.60 0.61 10.91
N SER A 134 18.11 0.46 9.68
CA SER A 134 18.29 -0.79 8.94
C SER A 134 19.75 -1.13 8.69
N LYS A 135 20.55 -0.12 8.33
CA LYS A 135 21.97 -0.31 8.13
C LYS A 135 22.62 -0.82 9.40
N LEU A 136 22.32 -0.15 10.52
CA LEU A 136 22.91 -0.49 11.80
C LEU A 136 22.62 -1.93 12.15
N LEU A 137 21.41 -2.38 11.85
CA LEU A 137 20.98 -3.75 12.14
C LEU A 137 21.75 -4.77 11.29
N GLU A 138 22.04 -4.41 10.04
CA GLU A 138 22.86 -5.25 9.18
C GLU A 138 24.23 -5.51 9.79
N GLY A 139 24.75 -4.54 10.54
CA GLY A 139 26.07 -4.67 11.17
C GLY A 139 25.95 -5.27 12.55
N ASP A 140 24.77 -5.78 12.87
CA ASP A 140 24.48 -6.33 14.19
C ASP A 140 24.57 -5.28 15.32
N PHE A 141 24.47 -3.99 14.98
CA PHE A 141 24.49 -2.93 15.98
C PHE A 141 23.09 -2.73 16.54
N VAL A 142 22.62 -3.75 17.27
CA VAL A 142 21.20 -3.90 17.59
C VAL A 142 20.67 -2.73 18.42
N TYR A 143 21.42 -2.31 19.44
CA TYR A 143 20.96 -1.23 20.32
C TYR A 143 20.88 0.12 19.63
N GLU A 144 21.77 0.36 18.67
CA GLU A 144 21.75 1.58 17.87
C GLU A 144 20.59 1.56 16.90
N ALA A 145 20.32 0.40 16.31
CA ALA A 145 19.18 0.23 15.42
C ALA A 145 17.90 0.55 16.17
N GLU A 146 17.77 -0.06 17.35
CA GLU A 146 16.62 0.18 18.21
C GLU A 146 16.36 1.67 18.36
N ARG A 147 17.39 2.46 18.65
CA ARG A 147 17.18 3.89 18.88
C ARG A 147 16.72 4.61 17.66
N TYR A 148 17.34 4.31 16.54
CA TYR A 148 16.96 4.98 15.31
C TYR A 148 15.55 4.56 14.89
N PHE A 149 15.17 3.30 15.10
CA PHE A 149 13.81 2.88 14.77
C PHE A 149 12.80 3.58 15.65
N MSE A 150 13.08 3.59 16.93
CA MSE A 150 12.27 4.29 17.92
C MSE A 150 11.99 5.72 17.47
O MSE A 150 10.88 6.23 17.62
CB MSE A 150 13.01 4.25 19.25
CG MSE A 150 12.41 5.07 20.34
SE MSE A 150 13.68 5.03 21.83
CE MSE A 150 12.93 6.40 22.98
N LEU A 151 12.98 6.37 16.87
CA LEU A 151 12.86 7.75 16.42
C LEU A 151 12.55 7.86 14.94
N GLY A 152 11.98 6.79 14.39
CA GLY A 152 11.70 6.71 12.96
C GLY A 152 10.26 6.89 12.55
N THR A 153 9.89 6.25 11.45
CA THR A 153 8.57 6.38 10.86
C THR A 153 7.74 5.18 11.22
N HIS A 154 6.55 5.08 10.63
CA HIS A 154 5.71 3.91 10.83
C HIS A 154 6.43 2.64 10.36
N ASP A 155 7.13 2.70 9.23
CA ASP A 155 7.96 1.58 8.79
C ASP A 155 8.94 1.15 9.83
N SER A 156 9.58 2.12 10.48
CA SER A 156 10.54 1.84 11.54
C SER A 156 9.89 1.05 12.66
N MSE A 157 8.64 1.38 12.98
CA MSE A 157 7.93 0.68 14.02
C MSE A 157 7.77 -0.80 13.66
O MSE A 157 8.01 -1.66 14.50
CB MSE A 157 6.59 1.38 14.30
CG MSE A 157 5.79 0.80 15.44
SE MSE A 157 4.55 -0.60 14.85
CE MSE A 157 3.48 0.39 13.50
N ILE A 158 7.41 -1.07 12.40
CA ILE A 158 7.31 -2.44 11.90
C ILE A 158 8.66 -3.14 12.07
N LYS A 159 9.72 -2.50 11.60
CA LYS A 159 11.07 -3.05 11.64
C LYS A 159 11.53 -3.32 13.06
N TYR A 160 11.17 -2.40 13.96
CA TYR A 160 11.50 -2.51 15.36
C TYR A 160 10.84 -3.74 15.98
N VAL A 161 9.54 -3.93 15.73
CA VAL A 161 8.84 -5.10 16.24
C VAL A 161 9.49 -6.37 15.75
N ASP A 162 9.86 -6.40 14.46
CA ASP A 162 10.54 -7.55 13.86
C ASP A 162 11.87 -7.82 14.52
N LEU A 163 12.63 -6.75 14.75
CA LEU A 163 13.91 -6.81 15.42
C LEU A 163 13.74 -7.51 16.77
N LEU A 164 12.80 -7.03 17.56
CA LEU A 164 12.57 -7.56 18.88
C LEU A 164 12.01 -8.97 18.83
N TRP A 165 11.08 -9.23 17.90
CA TRP A 165 10.44 -10.54 17.77
C TRP A 165 11.44 -11.62 17.35
N ASP A 166 12.22 -11.33 16.31
CA ASP A 166 13.25 -12.26 15.86
C ASP A 166 14.24 -12.59 16.96
N TRP A 167 14.60 -11.56 17.74
CA TRP A 167 15.55 -11.72 18.82
C TRP A 167 15.04 -12.67 19.91
N LEU A 168 13.79 -12.49 20.32
CA LEU A 168 13.13 -13.35 21.28
C LEU A 168 13.11 -14.81 20.81
N CYS A 169 12.88 -14.99 19.51
CA CYS A 169 12.84 -16.32 18.95
C CYS A 169 14.23 -16.99 18.88
N GLN A 170 15.29 -16.19 18.81
CA GLN A 170 16.65 -16.70 18.82
C GLN A 170 17.04 -17.26 20.20
N VAL A 171 16.35 -16.80 21.25
CA VAL A 171 16.66 -17.19 22.61
C VAL A 171 16.36 -18.66 22.86
N ASP A 172 17.40 -19.39 23.27
CA ASP A 172 17.34 -20.84 23.40
C ASP A 172 16.49 -21.31 24.58
N ASP A 173 16.71 -20.73 25.76
CA ASP A 173 15.91 -21.07 26.94
C ASP A 173 14.94 -19.96 27.31
N ILE A 174 13.81 -19.92 26.62
CA ILE A 174 12.76 -18.95 26.87
C ILE A 174 12.19 -19.14 28.28
N GLU A 175 11.54 -18.10 28.80
CA GLU A 175 11.01 -18.07 30.17
C GLU A 175 9.84 -17.06 30.30
N ASP A 176 9.21 -17.04 31.47
CA ASP A 176 8.12 -16.11 31.79
C ASP A 176 8.61 -14.66 31.75
N SER A 177 9.78 -14.43 32.34
CA SER A 177 10.40 -13.11 32.39
C SER A 177 11.07 -12.75 31.06
N THR A 178 11.36 -13.75 30.22
CA THR A 178 12.01 -13.52 28.91
C THR A 178 11.16 -12.69 27.95
N VAL A 179 9.91 -13.08 27.73
CA VAL A 179 9.01 -12.36 26.84
C VAL A 179 8.87 -10.89 27.23
N ALA A 180 8.71 -10.63 28.52
CA ALA A 180 8.58 -9.28 29.04
C ALA A 180 9.82 -8.42 28.78
N GLU A 181 11.00 -9.04 28.77
CA GLU A 181 12.23 -8.30 28.54
C GLU A 181 12.21 -7.63 27.17
N PHE A 182 11.53 -8.27 26.22
CA PHE A 182 11.43 -7.76 24.87
C PHE A 182 10.19 -6.90 24.74
N PHE A 183 9.03 -7.43 25.12
CA PHE A 183 7.79 -6.67 25.04
C PHE A 183 7.89 -5.33 25.77
N SER A 184 8.49 -5.30 26.96
CA SER A 184 8.57 -4.07 27.75
C SER A 184 9.25 -2.96 26.96
N ARG A 185 10.15 -3.35 26.06
CA ARG A 185 10.90 -2.36 25.31
C ARG A 185 10.02 -1.52 24.37
N LEU A 186 8.99 -2.14 23.77
CA LEU A 186 8.03 -1.43 22.92
C LEU A 186 7.18 -0.51 23.74
N VAL A 187 6.64 -1.04 24.83
CA VAL A 187 5.81 -0.23 25.67
C VAL A 187 6.58 0.98 26.21
N PHE A 188 7.74 0.75 26.81
CA PHE A 188 8.52 1.86 27.38
C PHE A 188 8.99 2.87 26.35
N ASN A 189 9.60 2.40 25.27
CA ASN A 189 10.17 3.32 24.30
C ASN A 189 9.12 4.23 23.68
N TYR A 190 7.98 3.65 23.31
CA TYR A 190 6.94 4.47 22.72
C TYR A 190 6.21 5.34 23.73
N LEU A 191 6.10 4.87 24.97
CA LEU A 191 5.63 5.75 26.04
C LEU A 191 6.59 6.92 26.27
N PHE A 192 7.90 6.65 26.21
CA PHE A 192 8.87 7.71 26.47
C PHE A 192 8.73 8.84 25.45
N ILE A 193 8.45 8.53 24.18
CA ILE A 193 8.30 9.57 23.16
C ILE A 193 6.85 9.97 22.93
N SER A 194 5.97 9.48 23.79
CA SER A 194 4.53 9.80 23.71
C SER A 194 3.89 9.46 22.36
N ASN A 195 4.37 8.40 21.73
CA ASN A 195 3.66 7.83 20.60
C ASN A 195 2.73 6.68 21.02
N ILE A 196 1.57 7.05 21.56
CA ILE A 196 0.58 6.09 22.06
C ILE A 196 0.11 5.16 20.95
N SER A 197 -0.09 5.75 19.78
CA SER A 197 -0.49 5.00 18.59
C SER A 197 0.49 3.87 18.26
N PHE A 198 1.77 4.19 18.19
CA PHE A 198 2.78 3.18 17.92
C PHE A 198 2.85 2.19 19.07
N ALA A 199 2.70 2.69 20.29
CA ALA A 199 2.68 1.83 21.46
C ALA A 199 1.60 0.76 21.32
N HIS A 200 0.39 1.18 20.97
CA HIS A 200 -0.71 0.24 20.80
C HIS A 200 -0.50 -0.67 19.63
N GLU A 201 -0.11 -0.11 18.49
CA GLU A 201 0.01 -0.91 17.27
C GLU A 201 1.10 -1.96 17.35
N SER A 202 2.25 -1.61 17.92
CA SER A 202 3.35 -2.55 18.08
C SER A 202 3.05 -3.59 19.16
N LYS A 203 2.31 -3.21 20.18
CA LYS A 203 1.84 -4.15 21.19
C LYS A 203 0.97 -5.24 20.52
N ASP A 204 0.06 -4.81 19.65
CA ASP A 204 -0.84 -5.72 18.93
C ASP A 204 -0.10 -6.68 18.02
N ILE A 205 0.84 -6.17 17.22
CA ILE A 205 1.63 -7.04 16.35
C ILE A 205 2.37 -8.06 17.22
N PHE A 206 3.07 -7.56 18.23
CA PHE A 206 3.88 -8.41 19.09
C PHE A 206 3.10 -9.49 19.86
N LEU A 207 2.02 -9.08 20.53
CA LEU A 207 1.19 -10.05 21.26
C LEU A 207 0.50 -11.08 20.36
N GLU A 208 0.12 -10.70 19.13
CA GLU A 208 -0.49 -11.65 18.21
C GLU A 208 0.49 -12.75 17.83
N ARG A 209 1.72 -12.34 17.55
CA ARG A 209 2.76 -13.27 17.16
C ARG A 209 3.12 -14.17 18.30
N PHE A 210 3.10 -13.62 19.52
CA PHE A 210 3.40 -14.36 20.72
C PHE A 210 2.34 -15.45 20.90
N ILE A 211 1.07 -15.06 20.81
CA ILE A 211 -0.06 -15.98 20.88
C ILE A 211 0.01 -17.11 19.83
N GLU A 212 0.23 -16.74 18.57
CA GLU A 212 0.23 -17.72 17.49
C GLU A 212 1.39 -18.71 17.55
N LYS A 213 2.50 -18.33 18.19
CA LYS A 213 3.66 -19.20 18.29
C LYS A 213 3.72 -19.99 19.59
N PHE A 214 3.48 -19.35 20.72
CA PHE A 214 3.64 -20.02 22.01
C PHE A 214 2.36 -20.58 22.63
N HIS A 215 1.21 -20.28 22.02
CA HIS A 215 -0.10 -20.77 22.51
C HIS A 215 -0.24 -20.65 24.01
N PRO A 216 -0.09 -19.42 24.54
CA PRO A 216 -0.26 -19.25 25.97
C PRO A 216 -1.74 -19.32 26.31
N LYS A 217 -2.06 -19.57 27.58
CA LYS A 217 -3.45 -19.49 28.01
C LYS A 217 -3.77 -18.03 28.21
N TYR A 218 -4.87 -17.59 27.60
CA TYR A 218 -5.26 -16.18 27.63
C TYR A 218 -6.75 -15.99 27.43
N GLU A 219 -7.27 -14.87 27.93
CA GLU A 219 -8.55 -14.40 27.45
C GLU A 219 -8.59 -12.90 27.25
N LYS A 220 -9.19 -12.49 26.14
CA LYS A 220 -9.32 -11.08 25.79
C LYS A 220 -10.43 -10.43 26.60
N ILE A 221 -10.07 -9.41 27.38
CA ILE A 221 -10.98 -8.63 28.19
C ILE A 221 -11.20 -7.29 27.50
N ASP A 222 -12.46 -6.95 27.24
CA ASP A 222 -12.83 -5.76 26.50
C ASP A 222 -13.77 -4.88 27.30
N LYS A 223 -13.45 -3.60 27.42
CA LYS A 223 -14.36 -2.64 28.02
C LYS A 223 -14.24 -1.30 27.30
N ASN A 224 -15.38 -0.76 26.88
CA ASN A 224 -15.46 0.49 26.13
C ASN A 224 -14.38 0.72 25.08
N GLY A 225 -14.14 -0.30 24.26
CA GLY A 225 -13.23 -0.15 23.13
C GLY A 225 -11.77 -0.30 23.47
N TYR A 226 -11.47 -0.67 24.71
CA TYR A 226 -10.09 -0.97 25.10
C TYR A 226 -9.98 -2.46 25.37
N GLU A 227 -8.82 -3.04 25.07
CA GLU A 227 -8.61 -4.48 25.20
C GLU A 227 -7.34 -4.82 25.92
N ILE A 228 -7.45 -5.64 26.96
CA ILE A 228 -6.28 -6.25 27.58
C ILE A 228 -6.26 -7.73 27.22
N VAL A 229 -5.14 -8.23 26.71
CA VAL A 229 -5.01 -9.67 26.55
C VAL A 229 -4.51 -10.22 27.87
N PHE A 230 -5.39 -10.88 28.61
CA PHE A 230 -5.04 -11.34 29.93
C PHE A 230 -4.38 -12.69 29.84
N PHE A 231 -3.11 -12.74 30.22
CA PHE A 231 -2.34 -13.96 30.19
C PHE A 231 -2.37 -14.60 31.57
N GLU A 232 -2.73 -15.87 31.63
CA GLU A 232 -2.77 -16.57 32.91
C GLU A 232 -1.38 -16.78 33.51
N ASP A 233 -0.34 -16.81 32.68
CA ASP A 233 1.01 -17.11 33.16
C ASP A 233 2.05 -16.04 32.85
N TYR A 234 1.58 -14.87 32.43
CA TYR A 234 2.50 -13.78 32.09
C TYR A 234 2.05 -12.48 32.73
N SER A 235 2.19 -12.41 34.06
CA SER A 235 1.72 -11.27 34.85
C SER A 235 2.34 -10.00 34.34
N ASP A 236 3.63 -10.10 34.06
CA ASP A 236 4.46 -9.04 33.53
C ASP A 236 3.76 -8.42 32.31
N LEU A 237 3.34 -9.27 31.37
CA LEU A 237 2.64 -8.84 30.19
C LEU A 237 1.31 -8.13 30.47
N ASN A 238 0.59 -8.55 31.52
CA ASN A 238 -0.65 -7.89 31.90
C ASN A 238 -0.36 -6.49 32.42
N PHE A 239 0.59 -6.42 33.34
CA PHE A 239 1.04 -5.18 33.91
C PHE A 239 1.40 -4.18 32.81
N LEU A 240 2.20 -4.65 31.85
CA LEU A 240 2.70 -3.76 30.81
C LEU A 240 1.58 -3.20 29.95
N GLN A 241 0.58 -4.03 29.62
CA GLN A 241 -0.55 -3.55 28.85
C GLN A 241 -1.34 -2.53 29.68
N LEU A 242 -1.55 -2.81 30.97
CA LEU A 242 -2.30 -1.91 31.85
C LEU A 242 -1.57 -0.59 32.00
N LEU A 243 -0.24 -0.66 32.07
CA LEU A 243 0.60 0.53 32.18
C LEU A 243 0.32 1.55 31.06
N LEU A 244 0.21 1.03 29.84
CA LEU A 244 -0.01 1.84 28.65
C LEU A 244 -1.34 2.61 28.77
N ILE A 245 -2.42 1.89 29.10
CA ILE A 245 -3.73 2.51 29.29
C ILE A 245 -3.70 3.49 30.45
N THR A 246 -3.06 3.11 31.56
CA THR A 246 -2.94 4.01 32.70
C THR A 246 -2.35 5.37 32.31
N CYS A 247 -1.26 5.36 31.54
CA CYS A 247 -0.61 6.60 31.14
C CYS A 247 -1.53 7.48 30.32
N GLN A 248 -2.44 6.85 29.61
CA GLN A 248 -3.37 7.57 28.78
C GLN A 248 -4.36 8.37 29.62
N THR A 249 -4.67 7.86 30.80
CA THR A 249 -5.69 8.46 31.66
C THR A 249 -5.13 9.65 32.40
N LYS A 250 -3.81 9.62 32.61
CA LYS A 250 -3.11 10.63 33.42
C LYS A 250 -3.69 10.76 34.85
N ASP A 251 -4.25 9.68 35.34
CA ASP A 251 -4.81 9.67 36.68
C ASP A 251 -3.82 9.04 37.66
N LYS A 252 -3.23 9.88 38.52
CA LYS A 252 -2.28 9.45 39.54
C LYS A 252 -2.76 8.26 40.40
N SER A 253 -4.05 8.21 40.74
CA SER A 253 -4.54 7.19 41.64
C SER A 253 -4.55 5.82 40.97
N TYR A 254 -4.89 5.77 39.68
CA TYR A 254 -4.83 4.52 38.92
C TYR A 254 -3.39 4.05 38.82
N PHE A 255 -2.48 5.00 38.58
CA PHE A 255 -1.05 4.72 38.53
C PHE A 255 -0.59 4.12 39.85
N LEU A 256 -0.99 4.75 40.95
CA LEU A 256 -0.67 4.24 42.27
C LEU A 256 -1.26 2.84 42.52
N ASN A 257 -2.57 2.66 42.24
CA ASN A 257 -3.21 1.36 42.39
C ASN A 257 -2.46 0.29 41.65
N LEU A 258 -2.10 0.58 40.40
CA LEU A 258 -1.46 -0.37 39.53
C LEU A 258 -0.15 -0.83 40.13
N LYS A 259 0.68 0.13 40.53
CA LYS A 259 1.93 -0.17 41.20
C LYS A 259 1.74 -0.93 42.52
N ASN A 260 0.72 -0.59 43.30
CA ASN A 260 0.54 -1.24 44.59
C ASN A 260 0.19 -2.70 44.45
N HIS A 261 -0.47 -3.04 43.36
CA HIS A 261 -0.84 -4.42 43.10
C HIS A 261 0.35 -5.26 42.62
N TYR A 262 1.20 -4.67 41.80
CA TYR A 262 2.32 -5.39 41.26
C TYR A 262 3.61 -4.87 41.90
N LEU A 263 3.86 -5.24 43.15
CA LEU A 263 5.00 -4.71 43.89
C LEU A 263 6.32 -5.07 43.23
N ASP A 264 6.45 -6.31 42.78
CA ASP A 264 7.70 -6.72 42.16
C ASP A 264 8.02 -5.99 40.88
N PHE A 265 7.01 -5.80 40.03
CA PHE A 265 7.22 -5.12 38.76
C PHE A 265 7.57 -3.64 38.98
N SER A 266 6.99 -3.06 40.02
CA SER A 266 7.33 -1.72 40.44
C SER A 266 8.79 -1.56 40.78
N GLN A 267 9.37 -2.57 41.42
CA GLN A 267 10.79 -2.56 41.73
C GLN A 267 11.60 -2.81 40.46
N ALA A 268 11.18 -3.81 39.68
CA ALA A 268 11.88 -4.15 38.44
C ALA A 268 11.93 -2.99 37.45
N TYR A 269 10.87 -2.19 37.38
CA TYR A 269 10.82 -1.09 36.41
C TYR A 269 10.88 0.28 37.10
N LYS A 270 11.51 0.28 38.29
CA LYS A 270 11.68 1.47 39.12
C LYS A 270 11.96 2.77 38.36
N SER A 271 13.05 2.81 37.59
CA SER A 271 13.40 4.08 36.95
C SER A 271 12.46 4.43 35.78
N GLU A 272 12.00 3.43 35.04
CA GLU A 272 11.04 3.64 33.97
C GLU A 272 9.75 4.25 34.53
N LEU A 273 9.23 3.64 35.60
CA LEU A 273 8.00 4.10 36.23
C LEU A 273 8.13 5.51 36.84
N GLU A 274 9.28 5.84 37.42
CA GLU A 274 9.48 7.19 37.96
C GLU A 274 9.40 8.24 36.86
N PHE A 275 10.02 7.94 35.73
CA PHE A 275 9.93 8.81 34.58
C PHE A 275 8.51 8.92 34.05
N LEU A 276 7.80 7.80 33.89
CA LEU A 276 6.43 7.84 33.37
C LEU A 276 5.56 8.67 34.32
N GLY A 277 5.77 8.50 35.64
CA GLY A 277 5.05 9.26 36.63
C GLY A 277 5.25 10.77 36.44
N GLN A 278 6.45 11.14 36.03
CA GLN A 278 6.76 12.54 35.78
C GLN A 278 6.13 13.02 34.48
N GLU A 279 6.27 12.22 33.42
CA GLU A 279 5.86 12.62 32.08
C GLU A 279 4.34 12.66 31.94
N TYR A 280 3.66 11.63 32.46
CA TYR A 280 2.23 11.48 32.25
C TYR A 280 1.36 11.92 33.42
N PHE A 281 1.93 12.00 34.62
CA PHE A 281 1.12 12.31 35.79
C PHE A 281 1.58 13.54 36.56
N ASN A 282 2.64 14.21 36.10
CA ASN A 282 3.24 15.35 36.82
C ASN A 282 3.60 15.07 38.27
N ILE A 283 4.06 13.85 38.55
CA ILE A 283 4.45 13.52 39.91
C ILE A 283 5.84 14.09 40.18
N VAL A 284 5.92 15.00 41.17
CA VAL A 284 7.20 15.59 41.55
C VAL A 284 7.92 14.72 42.57
N ALA A 285 7.17 14.09 43.47
CA ALA A 285 7.73 13.24 44.53
C ALA A 285 8.54 12.07 43.96
N PRO A 286 9.72 11.79 44.52
CA PRO A 286 10.50 10.66 44.01
C PRO A 286 9.85 9.33 44.39
N LYS A 287 10.28 8.27 43.69
CA LYS A 287 9.88 6.90 44.03
C LYS A 287 10.45 6.50 45.39
N GLN A 288 9.54 6.22 46.34
CA GLN A 288 9.92 5.66 47.63
C GLN A 288 10.19 4.18 47.46
N THR A 289 11.43 3.77 47.69
CA THR A 289 11.88 2.41 47.38
C THR A 289 11.28 1.35 48.30
N ASN A 290 10.49 0.45 47.71
CA ASN A 290 9.65 -0.49 48.46
C ASN A 290 10.38 -1.54 49.27
N PHE A 291 11.66 -1.75 48.95
CA PHE A 291 12.50 -2.80 49.51
C PHE A 291 13.71 -2.25 50.28
N THR B 1 -8.70 -20.97 34.13
CA THR B 1 -9.16 -21.64 35.40
C THR B 1 -8.98 -20.75 36.63
N SER B 2 -9.49 -21.19 37.79
CA SER B 2 -9.61 -20.33 38.98
C SER B 2 -8.33 -20.12 39.78
N ALA B 3 -7.21 -20.69 39.30
CA ALA B 3 -5.91 -20.48 39.95
C ALA B 3 -5.39 -19.03 39.76
N SER B 4 -5.86 -18.38 38.68
CA SER B 4 -5.52 -16.99 38.37
C SER B 4 -6.74 -16.04 38.39
N GLY B 5 -7.83 -16.46 39.04
CA GLY B 5 -9.03 -15.66 39.32
C GLY B 5 -8.77 -14.29 39.95
N PRO B 6 -7.97 -14.23 41.05
CA PRO B 6 -7.55 -12.98 41.71
C PRO B 6 -6.97 -11.92 40.78
N GLU B 7 -6.06 -12.32 39.88
CA GLU B 7 -5.44 -11.38 38.94
C GLU B 7 -6.39 -11.06 37.78
N HIS B 8 -7.18 -12.04 37.36
CA HIS B 8 -8.20 -11.79 36.36
C HIS B 8 -9.19 -10.73 36.85
N GLU B 9 -9.65 -10.89 38.09
CA GLU B 9 -10.58 -9.93 38.68
C GLU B 9 -9.95 -8.55 38.76
N PHE B 10 -8.68 -8.51 39.17
CA PHE B 10 -8.01 -7.24 39.32
C PHE B 10 -7.83 -6.50 38.00
N VAL B 11 -7.42 -7.23 36.96
CA VAL B 11 -7.22 -6.66 35.64
C VAL B 11 -8.56 -6.14 35.08
N SER B 12 -9.59 -6.96 35.18
CA SER B 12 -10.92 -6.63 34.68
C SER B 12 -11.50 -5.37 35.33
N LYS B 13 -11.34 -5.28 36.64
CA LYS B 13 -11.86 -4.15 37.40
C LYS B 13 -11.09 -2.88 37.09
N PHE B 14 -9.77 -3.00 37.03
CA PHE B 14 -8.90 -1.88 36.71
C PHE B 14 -9.20 -1.31 35.32
N LEU B 15 -9.42 -2.19 34.35
CA LEU B 15 -9.77 -1.78 33.00
C LEU B 15 -11.10 -1.00 32.97
N THR B 16 -12.08 -1.47 33.74
CA THR B 16 -13.39 -0.81 33.83
C THR B 16 -13.23 0.60 34.43
N LEU B 17 -12.51 0.69 35.54
CA LEU B 17 -12.30 1.98 36.20
C LEU B 17 -11.53 2.94 35.29
N ALA B 18 -10.56 2.43 34.53
CA ALA B 18 -9.68 3.25 33.69
C ALA B 18 -10.38 3.81 32.45
N THR B 19 -11.53 3.22 32.11
CA THR B 19 -12.23 3.57 30.87
C THR B 19 -13.70 3.98 31.07
N LEU B 20 -14.05 4.31 32.31
CA LEU B 20 -15.33 4.94 32.65
C LEU B 20 -15.66 6.18 31.81
N THR B 21 -14.69 7.06 31.57
CA THR B 21 -14.81 8.07 30.52
C THR B 21 -13.65 7.84 29.56
N GLU B 22 -13.69 8.49 28.40
CA GLU B 22 -12.61 8.41 27.44
C GLU B 22 -11.32 8.90 28.09
N PRO B 23 -10.28 8.05 28.11
CA PRO B 23 -8.98 8.42 28.66
C PRO B 23 -8.49 9.74 28.06
N LYS B 24 -7.83 10.57 28.87
CA LYS B 24 -7.34 11.88 28.37
C LYS B 24 -6.61 11.81 27.02
N LEU B 25 -5.70 10.85 26.87
CA LEU B 25 -5.00 10.64 25.60
C LEU B 25 -5.66 9.46 24.87
N PRO B 26 -6.12 9.70 23.63
CA PRO B 26 -6.70 8.58 22.85
C PRO B 26 -5.64 7.58 22.36
N LYS B 27 -6.04 6.36 21.98
CA LYS B 27 -5.11 5.35 21.46
C LYS B 27 -4.32 5.87 20.26
N SER B 28 -4.96 6.73 19.48
CA SER B 28 -4.34 7.27 18.27
C SER B 28 -3.47 8.49 18.53
N TYR B 29 -3.31 8.87 19.79
CA TYR B 29 -2.46 10.00 20.15
C TYR B 29 -1.00 9.79 19.77
N THR B 30 -0.42 10.77 19.11
CA THR B 30 1.00 10.76 18.79
C THR B 30 1.56 12.16 19.03
N LYS B 31 2.48 12.30 19.97
CA LYS B 31 3.19 13.58 20.12
C LYS B 31 3.99 13.81 18.84
N PRO B 32 3.83 14.97 18.19
CA PRO B 32 4.62 15.21 16.98
C PRO B 32 6.10 15.05 17.30
N LEU B 33 6.80 14.27 16.48
CA LEU B 33 8.20 13.97 16.75
C LEU B 33 9.07 15.24 16.76
N LYS B 34 8.58 16.31 16.11
CA LYS B 34 9.17 17.64 16.17
C LYS B 34 9.25 18.18 17.60
N ASP B 35 8.38 17.71 18.49
CA ASP B 35 8.24 18.27 19.83
C ASP B 35 8.92 17.41 20.86
N VAL B 36 9.46 16.27 20.43
CA VAL B 36 10.07 15.34 21.37
C VAL B 36 11.41 15.91 21.82
N THR B 37 11.56 16.09 23.12
CA THR B 37 12.72 16.78 23.69
C THR B 37 13.71 15.81 24.31
N ASN B 38 13.20 14.70 24.82
CA ASN B 38 14.07 13.69 25.41
C ASN B 38 13.53 12.29 25.29
N LEU B 39 14.38 11.31 25.62
CA LEU B 39 14.09 9.90 25.31
C LEU B 39 13.81 9.04 26.53
N GLY B 40 13.42 9.69 27.63
CA GLY B 40 13.15 9.00 28.89
C GLY B 40 14.37 8.47 29.60
N VAL B 41 14.25 7.24 30.09
CA VAL B 41 15.25 6.60 30.93
C VAL B 41 15.94 5.50 30.12
N PRO B 42 17.24 5.31 30.28
CA PRO B 42 17.88 4.20 29.56
C PRO B 42 17.25 2.87 29.97
N LEU B 43 17.01 1.98 29.02
CA LEU B 43 16.48 0.64 29.34
C LEU B 43 17.66 -0.29 29.62
N PRO B 44 17.44 -1.36 30.41
CA PRO B 44 18.57 -2.27 30.65
C PRO B 44 19.10 -2.98 29.40
N THR B 45 20.34 -3.44 29.46
CA THR B 45 20.88 -4.31 28.43
C THR B 45 20.28 -5.70 28.60
N LEU B 46 19.97 -6.35 27.48
CA LEU B 46 19.50 -7.73 27.47
C LEU B 46 20.65 -8.73 27.72
N LYS B 47 20.34 -9.83 28.42
CA LYS B 47 21.37 -10.82 28.78
C LYS B 47 21.94 -11.51 27.54
N TYR B 48 21.12 -11.59 26.50
CA TYR B 48 21.38 -12.38 25.30
C TYR B 48 22.28 -11.68 24.30
N LYS B 49 23.26 -12.41 23.76
CA LYS B 49 24.06 -11.93 22.63
C LYS B 49 23.20 -12.03 21.35
N TYR B 50 23.49 -11.17 20.38
CA TYR B 50 22.65 -11.02 19.20
C TYR B 50 23.35 -11.55 17.94
N LYS B 51 22.65 -12.36 17.15
CA LYS B 51 23.20 -12.87 15.87
C LYS B 51 22.19 -12.82 14.72
N GLN B 52 22.58 -13.33 13.56
CA GLN B 52 21.70 -13.48 12.39
C GLN B 52 22.26 -14.53 11.42
N MSE C 1 4.49 -4.38 -36.74
CA MSE C 1 4.15 -3.23 -35.85
C MSE C 1 4.32 -3.62 -34.38
O MSE C 1 4.98 -2.92 -33.61
CB MSE C 1 2.75 -2.66 -36.13
CG MSE C 1 2.47 -2.32 -37.61
SE MSE C 1 3.69 -1.03 -38.45
CE MSE C 1 2.50 0.51 -38.57
N GLY C 2 3.76 -4.77 -33.98
CA GLY C 2 3.81 -5.25 -32.59
C GLY C 2 5.22 -5.44 -32.07
N ALA C 3 6.04 -6.19 -32.81
CA ALA C 3 7.46 -6.36 -32.47
C ALA C 3 8.27 -5.07 -32.72
N LYS C 4 7.80 -4.21 -33.61
CA LYS C 4 8.49 -2.95 -33.94
C LYS C 4 8.28 -1.84 -32.90
N LEU C 5 7.19 -1.92 -32.13
CA LEU C 5 6.91 -0.94 -31.08
C LEU C 5 7.90 -1.05 -29.94
N ALA C 6 8.15 -2.30 -29.52
CA ALA C 6 9.13 -2.60 -28.49
C ALA C 6 10.50 -2.01 -28.81
N LYS C 7 10.85 -2.00 -30.10
CA LYS C 7 12.14 -1.49 -30.54
C LYS C 7 12.32 0.02 -30.44
N THR C 8 11.33 0.81 -30.89
CA THR C 8 11.43 2.29 -30.75
C THR C 8 11.23 2.82 -29.32
N LEU C 9 10.68 1.97 -28.44
CA LEU C 9 10.61 2.28 -26.99
C LEU C 9 12.01 2.26 -26.35
N GLN C 10 12.88 1.40 -26.87
CA GLN C 10 14.28 1.33 -26.45
C GLN C 10 15.10 2.53 -26.92
N ARG C 11 15.04 2.84 -28.23
CA ARG C 11 15.70 4.01 -28.80
C ARG C 11 15.27 5.27 -28.06
N PHE C 12 13.99 5.32 -27.69
CA PHE C 12 13.42 6.42 -26.93
C PHE C 12 14.02 6.53 -25.52
N GLU C 13 14.00 5.45 -24.75
CA GLU C 13 14.50 5.52 -23.38
C GLU C 13 16.03 5.54 -23.27
N ASN C 14 16.71 5.34 -24.41
CA ASN C 14 18.12 5.68 -24.56
C ASN C 14 18.28 7.18 -24.56
N LYS C 15 17.54 7.83 -25.46
CA LYS C 15 17.55 9.28 -25.57
C LYS C 15 17.14 9.96 -24.26
N ILE C 16 16.39 9.26 -23.42
CA ILE C 16 15.96 9.80 -22.13
C ILE C 16 17.00 9.64 -21.03
N LYS C 17 17.73 8.52 -21.03
CA LYS C 17 18.87 8.38 -20.11
C LYS C 17 19.99 9.36 -20.47
N ALA C 18 20.15 9.63 -21.76
CA ALA C 18 21.14 10.59 -22.25
C ALA C 18 20.76 12.04 -21.95
N GLY C 19 19.51 12.27 -21.57
CA GLY C 19 18.99 13.61 -21.32
C GLY C 19 18.67 14.41 -22.59
N ASP C 20 18.52 13.73 -23.73
CA ASP C 20 18.09 14.35 -25.00
C ASP C 20 16.56 14.45 -25.04
N TYR C 21 16.00 15.34 -24.24
CA TYR C 21 14.58 15.35 -24.00
C TYR C 21 13.77 15.82 -25.20
N TYR C 22 14.22 16.90 -25.85
CA TYR C 22 13.49 17.40 -27.01
C TYR C 22 13.47 16.37 -28.16
N GLU C 23 14.60 15.70 -28.39
CA GLU C 23 14.67 14.68 -29.44
C GLU C 23 13.78 13.50 -29.15
N ALA C 24 13.85 13.02 -27.91
CA ALA C 24 13.00 11.95 -27.43
C ALA C 24 11.53 12.29 -27.66
N HIS C 25 11.11 13.47 -27.19
CA HIS C 25 9.73 13.92 -27.33
C HIS C 25 9.30 13.96 -28.80
N GLN C 26 10.08 14.69 -29.60
CA GLN C 26 9.75 14.95 -31.00
C GLN C 26 9.67 13.66 -31.84
N THR C 27 10.65 12.78 -31.66
CA THR C 27 10.67 11.52 -32.41
C THR C 27 9.51 10.62 -32.03
N LEU C 28 9.23 10.49 -30.74
CA LEU C 28 8.10 9.68 -30.26
C LEU C 28 6.79 10.17 -30.84
N ARG C 29 6.60 11.49 -30.84
CA ARG C 29 5.37 12.07 -31.36
C ARG C 29 5.16 11.80 -32.85
N THR C 30 6.20 11.96 -33.67
CA THR C 30 6.04 11.68 -35.10
C THR C 30 5.83 10.18 -35.36
N ILE C 31 6.43 9.34 -34.55
CA ILE C 31 6.19 7.88 -34.62
C ILE C 31 4.76 7.55 -34.14
N ALA C 32 4.30 8.25 -33.12
CA ALA C 32 2.93 8.07 -32.63
C ALA C 32 1.91 8.57 -33.66
N ASN C 33 2.22 9.69 -34.31
CA ASN C 33 1.36 10.19 -35.36
C ASN C 33 1.10 9.15 -36.44
N ARG C 34 2.15 8.44 -36.85
CA ARG C 34 2.06 7.43 -37.89
C ARG C 34 1.12 6.28 -37.51
N TYR C 35 1.17 5.87 -36.24
CA TYR C 35 0.22 4.89 -35.74
C TYR C 35 -1.23 5.40 -35.77
N VAL C 36 -1.44 6.65 -35.35
CA VAL C 36 -2.76 7.28 -35.37
C VAL C 36 -3.28 7.42 -36.81
N ARG C 37 -2.37 7.79 -37.70
CA ARG C 37 -2.67 7.99 -39.12
C ARG C 37 -3.23 6.72 -39.72
N SER C 38 -2.59 5.59 -39.43
CA SER C 38 -3.04 4.30 -39.96
C SER C 38 -4.03 3.58 -39.03
N LYS C 39 -4.62 4.31 -38.08
CA LYS C 39 -5.69 3.81 -37.20
C LYS C 39 -5.30 2.63 -36.29
N SER C 40 -4.00 2.50 -36.03
CA SER C 40 -3.46 1.52 -35.08
C SER C 40 -3.40 2.12 -33.66
N TYR C 41 -4.59 2.29 -33.08
CA TYR C 41 -4.74 3.08 -31.87
C TYR C 41 -4.09 2.47 -30.63
N GLU C 42 -4.17 1.15 -30.50
CA GLU C 42 -3.56 0.41 -29.38
C GLU C 42 -2.05 0.67 -29.30
N HIS C 43 -1.40 0.66 -30.46
CA HIS C 43 0.01 0.95 -30.58
C HIS C 43 0.34 2.38 -30.14
N ALA C 44 -0.45 3.36 -30.61
CA ALA C 44 -0.26 4.75 -30.22
C ALA C 44 -0.45 4.91 -28.72
N ILE C 45 -1.52 4.30 -28.20
CA ILE C 45 -1.78 4.33 -26.77
C ILE C 45 -0.60 3.81 -25.94
N GLU C 46 -0.07 2.63 -26.28
CA GLU C 46 1.08 2.09 -25.53
C GLU C 46 2.32 2.96 -25.64
N LEU C 47 2.61 3.43 -26.86
CA LEU C 47 3.78 4.27 -27.08
C LEU C 47 3.68 5.58 -26.30
N ILE C 48 2.57 6.30 -26.50
CA ILE C 48 2.36 7.60 -25.88
C ILE C 48 2.37 7.52 -24.34
N SER C 49 1.65 6.56 -23.76
CA SER C 49 1.54 6.50 -22.29
C SER C 49 2.86 6.11 -21.67
N GLN C 50 3.56 5.15 -22.27
CA GLN C 50 4.88 4.76 -21.81
C GLN C 50 5.80 5.98 -21.87
N GLY C 51 5.73 6.71 -22.99
CA GLY C 51 6.50 7.93 -23.19
C GLY C 51 6.24 8.95 -22.12
N ALA C 52 4.96 9.15 -21.80
CA ALA C 52 4.58 10.13 -20.79
C ALA C 52 5.17 9.74 -19.44
N LEU C 53 5.12 8.44 -19.16
CA LEU C 53 5.56 7.92 -17.89
C LEU C 53 7.04 8.19 -17.63
N SER C 54 7.86 7.99 -18.64
CA SER C 54 9.29 8.12 -18.42
C SER C 54 9.75 9.57 -18.44
N PHE C 55 8.94 10.46 -19.02
CA PHE C 55 9.25 11.87 -18.91
C PHE C 55 8.99 12.31 -17.48
N LEU C 56 7.89 11.82 -16.91
CA LEU C 56 7.51 12.19 -15.55
C LEU C 56 8.45 11.59 -14.52
N LYS C 57 8.88 10.37 -14.76
CA LYS C 57 9.86 9.74 -13.88
C LYS C 57 11.18 10.50 -13.96
N ALA C 58 11.50 11.02 -15.14
CA ALA C 58 12.72 11.83 -15.33
C ALA C 58 12.57 13.30 -14.89
N LYS C 59 11.47 13.61 -14.20
CA LYS C 59 11.13 14.99 -13.76
C LYS C 59 11.04 16.00 -14.89
N GLN C 60 10.63 15.54 -16.08
CA GLN C 60 10.36 16.42 -17.22
C GLN C 60 8.86 16.67 -17.33
N GLY C 61 8.33 17.44 -16.37
CA GLY C 61 6.92 17.77 -16.30
C GLY C 61 6.29 18.21 -17.60
N GLY C 62 6.94 19.13 -18.31
CA GLY C 62 6.36 19.73 -19.51
C GLY C 62 6.04 18.72 -20.60
N SER C 63 7.02 17.87 -20.90
CA SER C 63 6.89 16.92 -21.98
C SER C 63 5.96 15.75 -21.61
N GLY C 64 6.01 15.33 -20.35
CA GLY C 64 5.14 14.25 -19.87
C GLY C 64 3.68 14.66 -19.83
N THR C 65 3.47 15.88 -19.33
CA THR C 65 2.18 16.53 -19.37
C THR C 65 1.63 16.61 -20.80
N ASP C 66 2.46 17.10 -21.73
CA ASP C 66 2.06 17.20 -23.12
C ASP C 66 1.64 15.82 -23.65
N LEU C 67 2.42 14.79 -23.31
CA LEU C 67 2.07 13.45 -23.76
C LEU C 67 0.81 12.87 -23.08
N ILE C 68 0.51 13.29 -21.85
CA ILE C 68 -0.77 12.92 -21.23
C ILE C 68 -1.94 13.49 -22.05
N PHE C 69 -1.82 14.75 -22.49
CA PHE C 69 -2.87 15.36 -23.32
C PHE C 69 -2.99 14.65 -24.65
N TYR C 70 -1.84 14.24 -25.20
CA TYR C 70 -1.81 13.51 -26.46
C TYR C 70 -2.54 12.17 -26.27
N LEU C 71 -2.23 11.48 -25.17
CA LEU C 71 -2.92 10.24 -24.81
C LEU C 71 -4.44 10.44 -24.77
N LEU C 72 -4.89 11.50 -24.10
CA LEU C 72 -6.31 11.79 -23.99
C LEU C 72 -6.95 12.09 -25.34
N GLU C 73 -6.19 12.73 -26.23
CA GLU C 73 -6.63 12.99 -27.59
C GLU C 73 -6.88 11.68 -28.33
N VAL C 74 -5.96 10.72 -28.18
CA VAL C 74 -6.09 9.43 -28.83
C VAL C 74 -7.21 8.61 -28.17
N TYR C 75 -7.25 8.59 -26.85
CA TYR C 75 -8.38 8.00 -26.12
C TYR C 75 -9.72 8.44 -26.73
N ASP C 76 -9.84 9.73 -27.03
CA ASP C 76 -11.05 10.31 -27.59
C ASP C 76 -11.27 9.88 -29.02
N LEU C 77 -10.17 9.84 -29.77
CA LEU C 77 -10.18 9.46 -31.18
C LEU C 77 -10.60 8.00 -31.35
N ALA C 78 -10.00 7.14 -30.53
CA ALA C 78 -10.25 5.70 -30.60
C ALA C 78 -11.47 5.27 -29.81
N GLU C 79 -12.18 6.24 -29.24
CA GLU C 79 -13.41 5.99 -28.48
C GLU C 79 -13.22 4.98 -27.32
N VAL C 80 -12.09 5.12 -26.64
CA VAL C 80 -11.67 4.21 -25.57
C VAL C 80 -12.62 4.36 -24.38
N LYS C 81 -13.38 3.30 -24.10
CA LYS C 81 -14.37 3.29 -23.02
C LYS C 81 -13.71 3.24 -21.66
N VAL C 82 -14.35 3.83 -20.65
CA VAL C 82 -13.87 3.75 -19.28
C VAL C 82 -14.00 2.33 -18.79
N ASP C 83 -12.86 1.70 -18.51
CA ASP C 83 -12.81 0.39 -17.87
C ASP C 83 -11.55 0.30 -17.01
N ASP C 84 -11.27 -0.87 -16.45
CA ASP C 84 -10.14 -1.01 -15.54
C ASP C 84 -8.79 -0.66 -16.19
N ILE C 85 -8.57 -1.14 -17.41
CA ILE C 85 -7.32 -0.90 -18.16
C ILE C 85 -7.18 0.57 -18.59
N SER C 86 -8.28 1.16 -19.07
CA SER C 86 -8.37 2.58 -19.42
C SER C 86 -7.92 3.48 -18.29
N VAL C 87 -8.48 3.20 -17.11
CA VAL C 87 -8.31 4.04 -15.96
C VAL C 87 -6.94 3.83 -15.31
N ALA C 88 -6.47 2.59 -15.27
CA ALA C 88 -5.17 2.27 -14.69
C ALA C 88 -4.01 2.98 -15.38
N ARG C 89 -4.09 3.17 -16.71
CA ARG C 89 -3.07 3.94 -17.42
C ARG C 89 -3.00 5.36 -16.86
N LEU C 90 -4.17 5.92 -16.56
CA LEU C 90 -4.23 7.27 -16.06
C LEU C 90 -3.80 7.31 -14.60
N VAL C 91 -4.17 6.28 -13.85
CA VAL C 91 -3.81 6.20 -12.42
C VAL C 91 -2.29 6.10 -12.26
N ARG C 92 -1.69 5.23 -13.07
CA ARG C 92 -0.24 5.04 -13.09
C ARG C 92 0.46 6.38 -13.40
N LEU C 93 -0.07 7.14 -14.35
CA LEU C 93 0.48 8.46 -14.69
C LEU C 93 0.27 9.50 -13.57
N ILE C 94 -0.94 9.58 -13.01
CA ILE C 94 -1.21 10.51 -11.91
C ILE C 94 -0.20 10.33 -10.77
N ALA C 95 0.17 9.07 -10.50
CA ALA C 95 1.18 8.77 -9.48
C ALA C 95 2.50 9.53 -9.69
N GLU C 96 2.97 9.62 -10.93
CA GLU C 96 4.26 10.25 -11.22
C GLU C 96 4.19 11.78 -11.41
N LEU C 97 3.00 12.37 -11.31
CA LEU C 97 2.83 13.80 -11.48
C LEU C 97 3.29 14.56 -10.25
N ASP C 98 4.19 15.51 -10.43
CA ASP C 98 4.55 16.42 -9.35
C ASP C 98 3.29 17.23 -9.00
N PRO C 99 2.91 17.28 -7.70
CA PRO C 99 1.77 18.11 -7.23
C PRO C 99 1.92 19.57 -7.60
N SER C 100 3.14 19.97 -7.91
CA SER C 100 3.47 21.35 -8.25
C SER C 100 3.38 21.68 -9.73
N GLU C 101 3.28 20.66 -10.59
CA GLU C 101 3.14 20.91 -12.02
C GLU C 101 2.16 22.06 -12.28
N PRO C 102 2.61 23.08 -13.04
CA PRO C 102 1.78 24.27 -13.27
C PRO C 102 0.43 23.96 -13.89
N ASN C 103 0.33 22.88 -14.65
CA ASN C 103 -0.94 22.54 -15.29
C ASN C 103 -1.65 21.32 -14.70
N LEU C 104 -1.31 20.99 -13.45
CA LEU C 104 -1.91 19.85 -12.77
C LEU C 104 -3.42 19.80 -12.95
N LYS C 105 -4.10 20.90 -12.62
CA LYS C 105 -5.55 20.98 -12.69
C LYS C 105 -6.09 20.78 -14.10
N ASP C 106 -5.39 21.29 -15.10
CA ASP C 106 -5.75 21.04 -16.50
C ASP C 106 -5.64 19.57 -16.89
N VAL C 107 -4.58 18.91 -16.43
CA VAL C 107 -4.38 17.50 -16.71
C VAL C 107 -5.49 16.66 -16.08
N ILE C 108 -5.80 17.00 -14.84
CA ILE C 108 -6.87 16.37 -14.07
C ILE C 108 -8.23 16.53 -14.74
N THR C 109 -8.52 17.75 -15.16
CA THR C 109 -9.76 18.05 -15.85
C THR C 109 -9.83 17.28 -17.18
N GLY C 110 -8.71 17.21 -17.88
CA GLY C 110 -8.61 16.41 -19.10
C GLY C 110 -8.97 14.96 -18.88
N MSE C 111 -8.34 14.35 -17.88
CA MSE C 111 -8.63 12.97 -17.51
C MSE C 111 -10.09 12.81 -17.12
O MSE C 111 -10.77 11.93 -17.67
CB MSE C 111 -7.74 12.50 -16.38
CG MSE C 111 -6.32 12.32 -16.81
SE MSE C 111 -5.24 11.95 -15.27
CE MSE C 111 -5.37 13.59 -14.33
N ASN C 112 -10.59 13.67 -16.23
CA ASN C 112 -11.97 13.56 -15.81
C ASN C 112 -12.94 13.69 -16.97
N ASN C 113 -12.75 14.73 -17.78
CA ASN C 113 -13.61 14.95 -18.95
C ASN C 113 -13.69 13.79 -19.95
N TRP C 114 -12.57 13.09 -20.15
CA TRP C 114 -12.62 11.87 -20.92
C TRP C 114 -13.51 10.83 -20.21
N SER C 115 -13.36 10.71 -18.90
CA SER C 115 -14.13 9.70 -18.17
C SER C 115 -15.62 10.04 -18.11
N ILE C 116 -15.97 11.32 -18.27
CA ILE C 116 -17.38 11.69 -18.36
C ILE C 116 -17.91 11.20 -19.70
N LYS C 117 -17.23 11.58 -20.78
CA LYS C 117 -17.67 11.28 -22.13
C LYS C 117 -17.85 9.79 -22.40
N PHE C 118 -17.00 8.97 -21.79
CA PHE C 118 -16.98 7.53 -22.09
C PHE C 118 -17.40 6.61 -20.95
N SER C 119 -18.31 7.10 -20.11
CA SER C 119 -18.91 6.29 -19.05
C SER C 119 -20.32 6.81 -18.83
N GLU C 120 -21.02 6.25 -17.84
CA GLU C 120 -22.38 6.68 -17.56
C GLU C 120 -22.45 7.63 -16.35
N TYR C 121 -21.29 8.08 -15.88
CA TYR C 121 -21.19 9.02 -14.76
C TYR C 121 -21.20 10.45 -15.26
N LYS C 122 -22.13 11.25 -14.73
CA LYS C 122 -22.22 12.65 -15.15
C LYS C 122 -20.94 13.41 -14.83
N PHE C 123 -20.33 13.05 -13.72
CA PHE C 123 -19.17 13.76 -13.21
C PHE C 123 -17.85 13.00 -13.27
N GLY C 124 -17.87 11.82 -13.89
CA GLY C 124 -16.64 11.08 -14.12
C GLY C 124 -16.56 9.80 -13.33
N ASP C 125 -15.64 8.93 -13.71
CA ASP C 125 -15.45 7.64 -13.05
C ASP C 125 -15.06 7.84 -11.58
N PRO C 126 -15.74 7.15 -10.63
CA PRO C 126 -15.44 7.28 -9.19
C PRO C 126 -14.04 6.77 -8.83
N TYR C 127 -13.63 5.64 -9.40
CA TYR C 127 -12.33 5.09 -9.06
C TYR C 127 -11.21 6.05 -9.49
N LEU C 128 -11.35 6.68 -10.66
CA LEU C 128 -10.43 7.71 -11.11
C LEU C 128 -10.44 8.93 -10.17
N HIS C 129 -11.62 9.31 -9.71
CA HIS C 129 -11.79 10.41 -8.78
C HIS C 129 -11.02 10.18 -7.48
N ASN C 130 -10.94 8.92 -7.05
CA ASN C 130 -10.25 8.60 -5.84
C ASN C 130 -8.77 8.96 -5.94
N THR C 131 -8.15 8.64 -7.08
CA THR C 131 -6.75 8.97 -7.28
C THR C 131 -6.54 10.47 -7.51
N ILE C 132 -7.39 11.09 -8.33
CA ILE C 132 -7.28 12.53 -8.59
C ILE C 132 -7.39 13.31 -7.29
N GLY C 133 -8.35 12.93 -6.46
CA GLY C 133 -8.56 13.57 -5.16
C GLY C 133 -7.28 13.62 -4.36
N SER C 134 -6.60 12.47 -4.23
CA SER C 134 -5.38 12.39 -3.47
C SER C 134 -4.26 13.28 -4.00
N LYS C 135 -4.11 13.32 -5.33
CA LYS C 135 -3.13 14.20 -5.96
C LYS C 135 -3.41 15.64 -5.60
N LEU C 136 -4.67 16.04 -5.77
CA LEU C 136 -5.05 17.42 -5.52
C LEU C 136 -4.72 17.83 -4.11
N LEU C 137 -4.94 16.92 -3.17
CA LEU C 137 -4.66 17.17 -1.76
C LEU C 137 -3.16 17.33 -1.50
N GLU C 138 -2.34 16.55 -2.20
CA GLU C 138 -0.89 16.68 -2.10
C GLU C 138 -0.45 18.09 -2.46
N GLY C 139 -1.15 18.73 -3.39
CA GLY C 139 -0.82 20.07 -3.84
C GLY C 139 -1.52 21.13 -2.98
N ASP C 140 -2.10 20.68 -1.88
CA ASP C 140 -2.87 21.56 -1.00
C ASP C 140 -4.13 22.15 -1.66
N PHE C 141 -4.60 21.54 -2.75
CA PHE C 141 -5.81 22.00 -3.43
C PHE C 141 -7.05 21.41 -2.77
N VAL C 142 -7.27 21.84 -1.53
CA VAL C 142 -8.19 21.21 -0.60
C VAL C 142 -9.61 21.15 -1.12
N TYR C 143 -10.13 22.26 -1.66
CA TYR C 143 -11.53 22.30 -2.10
C TYR C 143 -11.78 21.42 -3.33
N GLU C 144 -10.77 21.29 -4.19
CA GLU C 144 -10.87 20.41 -5.35
C GLU C 144 -10.83 18.95 -4.91
N ALA C 145 -9.97 18.65 -3.94
CA ALA C 145 -9.88 17.30 -3.39
C ALA C 145 -11.23 16.89 -2.82
N GLU C 146 -11.79 17.78 -2.01
CA GLU C 146 -13.09 17.56 -1.42
C GLU C 146 -14.10 17.11 -2.48
N ARG C 147 -14.17 17.80 -3.61
CA ARG C 147 -15.16 17.48 -4.62
C ARG C 147 -14.94 16.11 -5.23
N TYR C 148 -13.69 15.82 -5.55
CA TYR C 148 -13.38 14.55 -6.13
C TYR C 148 -13.63 13.41 -5.14
N PHE C 149 -13.32 13.61 -3.87
CA PHE C 149 -13.57 12.57 -2.88
C PHE C 149 -15.06 12.32 -2.73
N MSE C 150 -15.80 13.41 -2.62
CA MSE C 150 -17.25 13.38 -2.55
C MSE C 150 -17.83 12.49 -3.67
O MSE C 150 -18.76 11.72 -3.45
CB MSE C 150 -17.77 14.81 -2.65
CG MSE C 150 -19.22 15.01 -2.83
SE MSE C 150 -19.52 16.97 -3.10
CE MSE C 150 -21.44 16.91 -3.55
N LEU C 151 -17.24 12.58 -4.85
CA LEU C 151 -17.71 11.84 -6.01
C LEU C 151 -16.89 10.59 -6.26
N GLY C 152 -16.26 10.08 -5.20
CA GLY C 152 -15.36 8.93 -5.30
C GLY C 152 -15.92 7.63 -4.79
N THR C 153 -15.03 6.77 -4.29
CA THR C 153 -15.38 5.45 -3.81
C THR C 153 -15.46 5.46 -2.32
N HIS C 154 -15.64 4.28 -1.71
CA HIS C 154 -15.58 4.15 -0.27
C HIS C 154 -14.25 4.64 0.29
N ASP C 155 -13.15 4.31 -0.38
CA ASP C 155 -11.82 4.79 0.02
C ASP C 155 -11.81 6.32 0.07
N SER C 156 -12.42 6.95 -0.93
CA SER C 156 -12.51 8.40 -0.99
C SER C 156 -13.22 8.95 0.25
N MSE C 157 -14.24 8.26 0.71
CA MSE C 157 -14.99 8.70 1.88
C MSE C 157 -14.08 8.71 3.10
O MSE C 157 -14.10 9.66 3.88
CB MSE C 157 -16.22 7.82 2.08
CG MSE C 157 -17.13 8.23 3.25
SE MSE C 157 -16.67 7.30 4.92
CE MSE C 157 -16.88 5.48 4.33
N ILE C 158 -13.27 7.65 3.26
CA ILE C 158 -12.28 7.57 4.34
C ILE C 158 -11.34 8.77 4.25
N LYS C 159 -10.79 8.99 3.05
CA LYS C 159 -9.84 10.06 2.80
C LYS C 159 -10.44 11.42 3.08
N TYR C 160 -11.70 11.57 2.71
CA TYR C 160 -12.44 12.80 2.92
C TYR C 160 -12.57 13.10 4.41
N VAL C 161 -12.97 12.12 5.20
CA VAL C 161 -13.09 12.29 6.65
C VAL C 161 -11.75 12.71 7.25
N ASP C 162 -10.67 12.06 6.80
CA ASP C 162 -9.32 12.38 7.26
C ASP C 162 -8.94 13.81 6.89
N LEU C 163 -9.26 14.20 5.65
CA LEU C 163 -9.02 15.55 5.17
C LEU C 163 -9.67 16.54 6.11
N LEU C 164 -10.95 16.34 6.40
CA LEU C 164 -11.69 17.24 7.24
C LEU C 164 -11.20 17.23 8.68
N TRP C 165 -10.90 16.02 9.19
CA TRP C 165 -10.44 15.86 10.56
C TRP C 165 -9.07 16.50 10.80
N ASP C 166 -8.12 16.21 9.91
CA ASP C 166 -6.79 16.81 10.01
C ASP C 166 -6.85 18.32 9.95
N TRP C 167 -7.74 18.83 9.10
CA TRP C 167 -7.90 20.26 8.94
C TRP C 167 -8.38 20.94 10.20
N LEU C 168 -9.39 20.36 10.84
CA LEU C 168 -9.91 20.85 12.11
C LEU C 168 -8.84 20.87 13.18
N CYS C 169 -8.00 19.85 13.19
CA CYS C 169 -6.93 19.77 14.16
C CYS C 169 -5.82 20.81 13.92
N GLN C 170 -5.65 21.24 12.66
CA GLN C 170 -4.68 22.28 12.35
C GLN C 170 -5.11 23.65 12.89
N VAL C 171 -6.40 23.83 13.10
CA VAL C 171 -6.95 25.09 13.57
C VAL C 171 -6.53 25.38 15.00
N ASP C 172 -5.85 26.51 15.19
CA ASP C 172 -5.27 26.86 16.49
C ASP C 172 -6.30 27.27 17.54
N ASP C 173 -7.23 28.14 17.15
CA ASP C 173 -8.28 28.60 18.06
C ASP C 173 -9.64 27.96 17.74
N ILE C 174 -9.81 26.71 18.18
CA ILE C 174 -11.04 25.96 18.01
C ILE C 174 -12.17 26.65 18.77
N GLU C 175 -13.41 26.33 18.41
CA GLU C 175 -14.60 26.96 18.97
C GLU C 175 -15.84 26.04 18.80
N ASP C 176 -16.96 26.46 19.37
CA ASP C 176 -18.23 25.75 19.27
C ASP C 176 -18.71 25.67 17.81
N SER C 177 -18.60 26.80 17.12
CA SER C 177 -19.00 26.90 15.71
C SER C 177 -17.98 26.28 14.76
N THR C 178 -16.74 26.12 15.25
CA THR C 178 -15.63 25.60 14.44
C THR C 178 -15.84 24.15 14.01
N VAL C 179 -16.16 23.27 14.96
CA VAL C 179 -16.34 21.85 14.66
C VAL C 179 -17.45 21.63 13.62
N ALA C 180 -18.55 22.37 13.78
CA ALA C 180 -19.67 22.28 12.86
C ALA C 180 -19.31 22.71 11.43
N GLU C 181 -18.37 23.64 11.29
CA GLU C 181 -17.97 24.09 9.97
C GLU C 181 -17.40 22.96 9.14
N PHE C 182 -16.78 22.00 9.83
CA PHE C 182 -16.19 20.85 9.17
C PHE C 182 -17.20 19.72 9.11
N PHE C 183 -17.77 19.36 10.26
CA PHE C 183 -18.75 18.28 10.30
C PHE C 183 -19.91 18.50 9.31
N SER C 184 -20.42 19.72 9.22
CA SER C 184 -21.56 20.00 8.33
C SER C 184 -21.24 19.63 6.89
N ARG C 185 -19.96 19.68 6.55
CA ARG C 185 -19.57 19.39 5.17
C ARG C 185 -19.83 17.93 4.77
N LEU C 186 -19.64 16.99 5.70
CA LEU C 186 -19.93 15.58 5.48
C LEU C 186 -21.43 15.37 5.35
N VAL C 187 -22.18 15.92 6.28
CA VAL C 187 -23.60 15.76 6.25
C VAL C 187 -24.19 16.34 4.97
N PHE C 188 -23.87 17.60 4.65
CA PHE C 188 -24.39 18.22 3.42
C PHE C 188 -23.98 17.53 2.15
N ASN C 189 -22.69 17.28 2.00
CA ASN C 189 -22.19 16.73 0.74
C ASN C 189 -22.79 15.37 0.43
N TYR C 190 -22.85 14.51 1.44
CA TYR C 190 -23.38 13.20 1.20
C TYR C 190 -24.91 13.21 1.08
N LEU C 191 -25.58 14.13 1.76
CA LEU C 191 -27.00 14.32 1.51
C LEU C 191 -27.24 14.82 0.09
N PHE C 192 -26.38 15.72 -0.40
CA PHE C 192 -26.59 16.26 -1.73
C PHE C 192 -26.55 15.16 -2.80
N ILE C 193 -25.66 14.16 -2.65
CA ILE C 193 -25.59 13.07 -3.63
C ILE C 193 -26.38 11.83 -3.20
N SER C 194 -27.19 11.99 -2.16
CA SER C 194 -28.05 10.91 -1.66
C SER C 194 -27.32 9.63 -1.29
N ASN C 195 -26.07 9.76 -0.82
CA ASN C 195 -25.37 8.64 -0.21
C ASN C 195 -25.52 8.66 1.32
N ILE C 196 -26.67 8.19 1.78
CA ILE C 196 -27.02 8.14 3.19
C ILE C 196 -26.04 7.27 3.96
N SER C 197 -25.66 6.15 3.36
CA SER C 197 -24.69 5.24 3.93
C SER C 197 -23.37 5.95 4.24
N PHE C 198 -22.81 6.67 3.26
CA PHE C 198 -21.58 7.40 3.48
C PHE C 198 -21.79 8.50 4.50
N ALA C 199 -22.95 9.14 4.44
CA ALA C 199 -23.31 10.16 5.41
C ALA C 199 -23.22 9.62 6.82
N HIS C 200 -23.83 8.46 7.06
CA HIS C 200 -23.81 7.86 8.38
C HIS C 200 -22.42 7.41 8.76
N GLU C 201 -21.73 6.73 7.86
CA GLU C 201 -20.44 6.14 8.20
C GLU C 201 -19.37 7.17 8.50
N SER C 202 -19.34 8.24 7.70
CA SER C 202 -18.39 9.31 7.92
C SER C 202 -18.74 10.15 9.16
N LYS C 203 -20.02 10.31 9.43
CA LYS C 203 -20.48 10.94 10.68
C LYS C 203 -19.92 10.19 11.90
N ASP C 204 -20.03 8.86 11.86
CA ASP C 204 -19.55 8.01 12.96
C ASP C 204 -18.05 8.10 13.17
N ILE C 205 -17.27 8.00 12.10
CA ILE C 205 -15.81 8.14 12.22
C ILE C 205 -15.49 9.50 12.80
N PHE C 206 -16.07 10.54 12.21
CA PHE C 206 -15.79 11.91 12.64
C PHE C 206 -16.16 12.22 14.09
N LEU C 207 -17.40 11.90 14.49
CA LEU C 207 -17.82 12.12 15.85
C LEU C 207 -17.04 11.32 16.89
N GLU C 208 -16.61 10.10 16.56
CA GLU C 208 -15.84 9.27 17.51
C GLU C 208 -14.50 9.95 17.76
N ARG C 209 -13.86 10.43 16.70
CA ARG C 209 -12.56 11.08 16.82
C ARG C 209 -12.69 12.36 17.59
N PHE C 210 -13.80 13.07 17.40
CA PHE C 210 -14.06 14.31 18.07
C PHE C 210 -14.17 14.04 19.59
N ILE C 211 -14.99 13.05 19.94
CA ILE C 211 -15.16 12.62 21.32
C ILE C 211 -13.84 12.21 21.98
N GLU C 212 -13.07 11.33 21.31
CA GLU C 212 -11.85 10.79 21.90
C GLU C 212 -10.75 11.83 22.08
N LYS C 213 -10.78 12.90 21.30
CA LYS C 213 -9.74 13.93 21.37
C LYS C 213 -10.14 15.12 22.23
N PHE C 214 -11.36 15.63 22.06
CA PHE C 214 -11.75 16.84 22.77
C PHE C 214 -12.56 16.64 24.04
N HIS C 215 -12.96 15.40 24.31
CA HIS C 215 -13.72 15.06 25.52
C HIS C 215 -14.86 16.03 25.79
N PRO C 216 -15.77 16.20 24.82
CA PRO C 216 -16.93 17.03 25.08
C PRO C 216 -17.89 16.30 26.01
N LYS C 217 -18.80 17.04 26.63
CA LYS C 217 -19.84 16.41 27.43
C LYS C 217 -20.90 15.91 26.46
N TYR C 218 -21.27 14.65 26.59
CA TYR C 218 -22.21 14.02 25.66
C TYR C 218 -22.93 12.82 26.26
N GLU C 219 -24.12 12.51 25.74
CA GLU C 219 -24.70 11.20 25.99
C GLU C 219 -25.38 10.62 24.76
N LYS C 220 -25.17 9.34 24.54
CA LYS C 220 -25.75 8.61 23.41
C LYS C 220 -27.23 8.32 23.66
N ILE C 221 -28.08 8.84 22.79
CA ILE C 221 -29.52 8.60 22.82
C ILE C 221 -29.86 7.62 21.71
N ASP C 222 -30.51 6.52 22.07
CA ASP C 222 -30.81 5.44 21.13
C ASP C 222 -32.30 5.16 21.06
N LYS C 223 -32.85 5.14 19.85
CA LYS C 223 -34.23 4.75 19.66
C LYS C 223 -34.38 4.00 18.35
N ASN C 224 -35.03 2.83 18.42
CA ASN C 224 -35.28 1.96 17.26
C ASN C 224 -34.10 1.80 16.31
N GLY C 225 -32.91 1.59 16.85
CA GLY C 225 -31.74 1.31 16.02
C GLY C 225 -31.07 2.53 15.44
N TYR C 226 -31.52 3.72 15.84
CA TYR C 226 -30.86 4.97 15.42
C TYR C 226 -30.20 5.60 16.64
N GLU C 227 -29.08 6.30 16.44
CA GLU C 227 -28.34 6.92 17.54
C GLU C 227 -28.00 8.38 17.27
N ILE C 228 -28.35 9.23 18.21
CA ILE C 228 -27.89 10.61 18.20
C ILE C 228 -26.87 10.79 19.31
N VAL C 229 -25.68 11.31 19.00
CA VAL C 229 -24.76 11.68 20.06
C VAL C 229 -25.14 13.09 20.50
N PHE C 230 -25.74 13.19 21.69
CA PHE C 230 -26.22 14.47 22.15
C PHE C 230 -25.12 15.22 22.86
N PHE C 231 -24.71 16.33 22.28
CA PHE C 231 -23.65 17.16 22.83
C PHE C 231 -24.27 18.27 23.65
N GLU C 232 -23.82 18.42 24.89
CA GLU C 232 -24.33 19.47 25.75
C GLU C 232 -23.92 20.86 25.30
N ASP C 233 -22.80 20.97 24.59
CA ASP C 233 -22.31 22.29 24.18
C ASP C 233 -22.15 22.48 22.67
N TYR C 234 -22.71 21.56 21.90
CA TYR C 234 -22.56 21.61 20.45
C TYR C 234 -23.92 21.41 19.77
N SER C 235 -24.79 22.40 19.91
CA SER C 235 -26.15 22.33 19.37
C SER C 235 -26.12 22.06 17.91
N ASP C 236 -25.20 22.75 17.24
CA ASP C 236 -24.96 22.65 15.83
C ASP C 236 -24.82 21.16 15.45
N LEU C 237 -23.97 20.45 16.18
CA LEU C 237 -23.74 19.04 15.96
C LEU C 237 -24.98 18.17 16.17
N ASN C 238 -25.84 18.54 17.11
CA ASN C 238 -27.09 17.80 17.33
C ASN C 238 -28.02 18.00 16.14
N PHE C 239 -28.18 19.25 15.74
CA PHE C 239 -29.00 19.62 14.62
C PHE C 239 -28.59 18.82 13.38
N LEU C 240 -27.28 18.80 13.12
CA LEU C 240 -26.78 18.18 11.92
C LEU C 240 -27.04 16.67 11.89
N GLN C 241 -26.90 16.01 13.04
CA GLN C 241 -27.21 14.59 13.12
C GLN C 241 -28.70 14.36 12.88
N LEU C 242 -29.55 15.20 13.48
CA LEU C 242 -30.98 15.06 13.33
C LEU C 242 -31.41 15.32 11.89
N LEU C 243 -30.75 16.28 11.25
CA LEU C 243 -30.99 16.62 9.84
C LEU C 243 -30.89 15.39 8.94
N LEU C 244 -29.84 14.59 9.15
CA LEU C 244 -29.58 13.40 8.37
C LEU C 244 -30.74 12.40 8.47
N ILE C 245 -31.17 12.11 9.69
CA ILE C 245 -32.30 11.19 9.90
C ILE C 245 -33.57 11.78 9.34
N THR C 246 -33.78 13.08 9.55
CA THR C 246 -34.98 13.73 9.00
C THR C 246 -35.12 13.53 7.50
N CYS C 247 -34.02 13.70 6.75
CA CYS C 247 -34.05 13.56 5.31
C CYS C 247 -34.44 12.17 4.88
N GLN C 248 -34.10 11.20 5.73
CA GLN C 248 -34.39 9.81 5.46
C GLN C 248 -35.89 9.56 5.50
N THR C 249 -36.59 10.29 6.36
CA THR C 249 -38.02 10.08 6.59
C THR C 249 -38.84 10.69 5.48
N LYS C 250 -38.29 11.74 4.85
CA LYS C 250 -38.97 12.51 3.82
C LYS C 250 -40.29 13.12 4.30
N ASP C 251 -40.38 13.35 5.61
CA ASP C 251 -41.59 13.90 6.20
C ASP C 251 -41.43 15.40 6.43
N LYS C 252 -42.15 16.20 5.63
CA LYS C 252 -42.16 17.65 5.73
C LYS C 252 -42.33 18.20 7.16
N SER C 253 -43.19 17.57 7.96
CA SER C 253 -43.51 18.13 9.27
C SER C 253 -42.34 17.95 10.24
N TYR C 254 -41.61 16.84 10.13
CA TYR C 254 -40.41 16.65 10.95
C TYR C 254 -39.38 17.68 10.56
N PHE C 255 -39.23 17.91 9.26
CA PHE C 255 -38.32 18.91 8.73
C PHE C 255 -38.69 20.29 9.27
N LEU C 256 -39.98 20.62 9.22
CA LEU C 256 -40.46 21.88 9.78
C LEU C 256 -40.18 21.98 11.29
N ASN C 257 -40.56 20.95 12.06
CA ASN C 257 -40.28 20.93 13.52
C ASN C 257 -38.84 21.21 13.79
N LEU C 258 -37.96 20.51 13.06
CA LEU C 258 -36.53 20.57 13.29
C LEU C 258 -36.03 21.99 13.08
N LYS C 259 -36.42 22.59 11.95
CA LYS C 259 -36.08 23.98 11.67
C LYS C 259 -36.67 24.96 12.67
N ASN C 260 -37.89 24.72 13.14
CA ASN C 260 -38.51 25.66 14.07
C ASN C 260 -37.79 25.69 15.40
N HIS C 261 -37.20 24.57 15.78
CA HIS C 261 -36.49 24.49 17.02
C HIS C 261 -35.11 25.15 16.95
N TYR C 262 -34.44 25.00 15.81
CA TYR C 262 -33.13 25.57 15.66
C TYR C 262 -33.18 26.74 14.70
N LEU C 263 -33.72 27.88 15.15
CA LEU C 263 -33.96 29.00 14.26
C LEU C 263 -32.68 29.55 13.67
N ASP C 264 -31.65 29.66 14.49
CA ASP C 264 -30.42 30.25 13.99
C ASP C 264 -29.69 29.38 12.99
N PHE C 265 -29.71 28.06 13.20
CA PHE C 265 -29.06 27.16 12.26
C PHE C 265 -29.80 27.16 10.92
N SER C 266 -31.12 27.31 10.99
CA SER C 266 -31.94 27.44 9.81
C SER C 266 -31.53 28.63 8.96
N GLN C 267 -31.18 29.74 9.60
CA GLN C 267 -30.68 30.91 8.90
C GLN C 267 -29.27 30.66 8.38
N ALA C 268 -28.40 30.11 9.24
CA ALA C 268 -27.03 29.83 8.87
C ALA C 268 -26.92 28.87 7.68
N TYR C 269 -27.81 27.88 7.60
CA TYR C 269 -27.75 26.90 6.52
C TYR C 269 -28.91 27.07 5.53
N LYS C 270 -29.39 28.30 5.45
CA LYS C 270 -30.50 28.71 4.59
C LYS C 270 -30.53 28.03 3.21
N SER C 271 -29.49 28.21 2.41
CA SER C 271 -29.54 27.70 1.05
C SER C 271 -29.38 26.18 0.99
N GLU C 272 -28.56 25.61 1.89
CA GLU C 272 -28.44 24.16 1.98
C GLU C 272 -29.78 23.51 2.32
N LEU C 273 -30.45 24.06 3.33
CA LEU C 273 -31.75 23.55 3.77
C LEU C 273 -32.85 23.72 2.72
N GLU C 274 -32.85 24.81 1.97
CA GLU C 274 -33.84 24.98 0.90
C GLU C 274 -33.69 23.90 -0.17
N PHE C 275 -32.43 23.61 -0.53
CA PHE C 275 -32.16 22.53 -1.45
C PHE C 275 -32.59 21.16 -0.88
N LEU C 276 -32.22 20.87 0.37
CA LEU C 276 -32.62 19.59 0.98
C LEU C 276 -34.13 19.46 1.01
N GLY C 277 -34.81 20.56 1.35
CA GLY C 277 -36.26 20.60 1.36
C GLY C 277 -36.83 20.22 0.01
N GLN C 278 -36.17 20.63 -1.06
CA GLN C 278 -36.62 20.31 -2.40
C GLN C 278 -36.32 18.85 -2.73
N GLU C 279 -35.10 18.40 -2.43
CA GLU C 279 -34.63 17.09 -2.84
C GLU C 279 -35.31 15.98 -2.06
N TYR C 280 -35.45 16.15 -0.75
CA TYR C 280 -35.97 15.11 0.12
C TYR C 280 -37.43 15.27 0.50
N PHE C 281 -37.98 16.46 0.41
CA PHE C 281 -39.36 16.68 0.89
C PHE C 281 -40.33 17.24 -0.14
N ASN C 282 -39.84 17.46 -1.36
CA ASN C 282 -40.64 18.08 -2.43
C ASN C 282 -41.27 19.42 -2.06
N ILE C 283 -40.55 20.21 -1.28
CA ILE C 283 -41.05 21.53 -0.90
C ILE C 283 -40.82 22.49 -2.05
N VAL C 284 -41.92 23.06 -2.55
CA VAL C 284 -41.88 24.07 -3.59
C VAL C 284 -41.62 25.47 -3.00
N ALA C 285 -42.21 25.74 -1.83
CA ALA C 285 -42.15 27.05 -1.19
C ALA C 285 -40.72 27.56 -0.93
N PRO C 286 -40.45 28.82 -1.27
CA PRO C 286 -39.09 29.32 -1.10
C PRO C 286 -38.79 29.67 0.35
N LYS C 287 -37.59 30.22 0.55
CA LYS C 287 -37.18 30.89 1.79
C LYS C 287 -38.04 32.13 2.06
N GLN C 288 -38.78 32.08 3.17
CA GLN C 288 -39.58 33.20 3.64
C GLN C 288 -38.67 34.24 4.28
N THR C 289 -38.63 35.42 3.66
CA THR C 289 -37.84 36.54 4.11
C THR C 289 -38.58 37.22 5.26
N ASN C 290 -39.91 37.06 5.23
CA ASN C 290 -40.85 37.83 6.06
C ASN C 290 -41.01 39.23 5.46
N SER D 2 -29.18 19.15 34.43
CA SER D 2 -30.42 19.78 33.89
C SER D 2 -30.18 21.15 33.22
N ALA D 3 -28.92 21.53 33.06
CA ALA D 3 -28.56 22.78 32.38
C ALA D 3 -28.88 22.75 30.88
N SER D 4 -28.90 21.55 30.29
CA SER D 4 -29.26 21.35 28.86
C SER D 4 -30.50 20.45 28.66
N GLY D 5 -31.28 20.28 29.73
CA GLY D 5 -32.48 19.42 29.79
C GLY D 5 -33.51 19.67 28.69
N PRO D 6 -33.92 20.95 28.48
CA PRO D 6 -34.82 21.36 27.39
C PRO D 6 -34.46 20.85 25.99
N GLU D 7 -33.19 20.97 25.60
CA GLU D 7 -32.76 20.51 24.28
C GLU D 7 -32.56 19.00 24.28
N HIS D 8 -32.12 18.43 25.39
CA HIS D 8 -32.04 16.98 25.51
C HIS D 8 -33.42 16.36 25.30
N GLU D 9 -34.43 16.91 25.96
CA GLU D 9 -35.80 16.42 25.83
C GLU D 9 -36.27 16.54 24.39
N PHE D 10 -35.97 17.68 23.77
CA PHE D 10 -36.39 17.90 22.42
C PHE D 10 -35.76 16.92 21.42
N VAL D 11 -34.46 16.69 21.56
CA VAL D 11 -33.73 15.78 20.69
C VAL D 11 -34.26 14.35 20.85
N SER D 12 -34.41 13.92 22.10
CA SER D 12 -34.89 12.58 22.42
C SER D 12 -36.28 12.32 21.83
N LYS D 13 -37.18 13.28 21.98
CA LYS D 13 -38.54 13.15 21.49
C LYS D 13 -38.59 13.13 19.95
N PHE D 14 -37.84 14.04 19.35
CA PHE D 14 -37.76 14.13 17.90
C PHE D 14 -37.21 12.83 17.27
N LEU D 15 -36.18 12.27 17.88
CA LEU D 15 -35.61 11.01 17.44
C LEU D 15 -36.63 9.87 17.50
N THR D 16 -37.42 9.83 18.59
CA THR D 16 -38.43 8.80 18.75
C THR D 16 -39.49 8.92 17.66
N LEU D 17 -40.02 10.12 17.47
CA LEU D 17 -41.04 10.34 16.45
C LEU D 17 -40.53 10.01 15.05
N ALA D 18 -39.26 10.36 14.77
CA ALA D 18 -38.68 10.20 13.43
C ALA D 18 -38.40 8.75 13.06
N THR D 19 -38.36 7.87 14.06
CA THR D 19 -37.99 6.48 13.84
C THR D 19 -39.02 5.44 14.33
N LEU D 20 -40.24 5.89 14.63
CA LEU D 20 -41.34 5.01 14.98
C LEU D 20 -41.63 3.95 13.92
N THR D 21 -41.58 4.34 12.66
CA THR D 21 -41.54 3.37 11.57
C THR D 21 -40.21 3.52 10.84
N GLU D 22 -39.88 2.53 10.04
CA GLU D 22 -38.68 2.60 9.23
C GLU D 22 -38.73 3.82 8.33
N PRO D 23 -37.74 4.72 8.44
CA PRO D 23 -37.67 5.88 7.55
C PRO D 23 -37.71 5.42 6.08
N LYS D 24 -38.34 6.20 5.21
CA LYS D 24 -38.42 5.85 3.77
C LYS D 24 -37.09 5.38 3.17
N LEU D 25 -36.00 6.13 3.43
CA LEU D 25 -34.68 5.71 3.01
C LEU D 25 -33.97 5.07 4.20
N PRO D 26 -33.52 3.80 4.06
CA PRO D 26 -32.81 3.15 5.17
C PRO D 26 -31.38 3.71 5.37
N LYS D 27 -30.77 3.44 6.52
CA LYS D 27 -29.40 3.87 6.81
C LYS D 27 -28.43 3.44 5.73
N SER D 28 -28.68 2.28 5.12
CA SER D 28 -27.78 1.74 4.12
C SER D 28 -28.00 2.31 2.72
N TYR D 29 -28.96 3.22 2.58
CA TYR D 29 -29.36 3.71 1.26
C TYR D 29 -28.23 4.47 0.55
N THR D 30 -28.00 4.10 -0.70
CA THR D 30 -27.03 4.81 -1.53
C THR D 30 -27.61 5.01 -2.92
N LYS D 31 -27.82 6.26 -3.33
CA LYS D 31 -28.20 6.52 -4.71
C LYS D 31 -27.03 6.07 -5.61
N PRO D 32 -27.30 5.21 -6.60
CA PRO D 32 -26.18 4.78 -7.45
C PRO D 32 -25.51 5.99 -8.09
N LEU D 33 -24.19 6.06 -7.99
CA LEU D 33 -23.48 7.26 -8.41
C LEU D 33 -23.65 7.54 -9.92
N LYS D 34 -24.01 6.50 -10.67
CA LYS D 34 -24.39 6.65 -12.10
C LYS D 34 -25.61 7.54 -12.28
N ASP D 35 -26.44 7.66 -11.25
CA ASP D 35 -27.72 8.35 -11.37
C ASP D 35 -27.65 9.73 -10.75
N VAL D 36 -26.50 10.09 -10.20
CA VAL D 36 -26.33 11.38 -9.56
C VAL D 36 -26.25 12.43 -10.63
N THR D 37 -27.18 13.38 -10.55
CA THR D 37 -27.43 14.31 -11.63
C THR D 37 -26.91 15.70 -11.31
N ASN D 38 -26.84 16.04 -10.01
CA ASN D 38 -26.27 17.32 -9.58
C ASN D 38 -25.67 17.28 -8.19
N LEU D 39 -24.97 18.35 -7.81
CA LEU D 39 -24.16 18.37 -6.59
C LEU D 39 -24.70 19.26 -5.47
N GLY D 40 -25.98 19.60 -5.55
CA GLY D 40 -26.61 20.50 -4.58
C GLY D 40 -26.18 21.95 -4.68
N VAL D 41 -25.98 22.56 -3.53
CA VAL D 41 -25.69 23.98 -3.42
C VAL D 41 -24.22 24.14 -3.02
N PRO D 42 -23.51 25.14 -3.57
CA PRO D 42 -22.13 25.34 -3.16
C PRO D 42 -22.06 25.59 -1.66
N LEU D 43 -21.06 25.01 -1.00
CA LEU D 43 -20.83 25.22 0.43
C LEU D 43 -19.96 26.44 0.64
N PRO D 44 -20.05 27.08 1.81
CA PRO D 44 -19.19 28.25 2.04
C PRO D 44 -17.68 27.93 2.06
N THR D 45 -16.86 28.93 1.77
CA THR D 45 -15.41 28.80 1.99
C THR D 45 -15.14 28.88 3.48
N LEU D 46 -14.22 28.05 3.97
CA LEU D 46 -13.78 28.13 5.37
C LEU D 46 -12.79 29.28 5.61
N LYS D 47 -12.83 29.90 6.78
CA LYS D 47 -11.92 31.02 7.10
C LYS D 47 -10.47 30.56 7.12
N TYR D 48 -10.27 29.28 7.47
CA TYR D 48 -8.96 28.71 7.73
C TYR D 48 -8.24 28.28 6.46
N LYS D 49 -6.95 28.61 6.36
CA LYS D 49 -6.10 28.10 5.28
C LYS D 49 -5.72 26.65 5.58
N TYR D 50 -5.42 25.91 4.53
CA TYR D 50 -5.00 24.52 4.65
C TYR D 50 -3.50 24.36 4.39
N LYS D 51 -2.80 23.66 5.28
CA LYS D 51 -1.35 23.38 5.12
C LYS D 51 -0.98 21.96 5.50
N GLN D 52 0.32 21.68 5.66
CA GLN D 52 0.82 20.39 6.20
C GLN D 52 2.33 20.39 6.34
N MSE E 1 42.66 -5.37 -16.33
CA MSE E 1 41.33 -5.99 -16.60
C MSE E 1 40.29 -4.91 -16.93
O MSE E 1 39.64 -4.97 -17.98
CB MSE E 1 40.89 -6.87 -15.42
CG MSE E 1 40.81 -6.14 -14.05
SE MSE E 1 40.49 -7.27 -12.47
CE MSE E 1 42.27 -7.09 -11.66
N GLY E 2 40.16 -3.93 -16.05
CA GLY E 2 39.08 -2.95 -16.08
C GLY E 2 39.07 -2.11 -17.35
N ALA E 3 40.21 -1.49 -17.63
CA ALA E 3 40.42 -0.72 -18.86
C ALA E 3 40.45 -1.62 -20.11
N LYS E 4 40.88 -2.88 -19.94
CA LYS E 4 40.97 -3.82 -21.05
C LYS E 4 39.62 -4.41 -21.51
N LEU E 5 38.64 -4.45 -20.62
CA LEU E 5 37.33 -5.02 -20.94
C LEU E 5 36.58 -4.14 -21.93
N ALA E 6 36.58 -2.84 -21.63
CA ALA E 6 35.90 -1.84 -22.46
C ALA E 6 36.43 -1.90 -23.89
N LYS E 7 37.73 -2.18 -24.03
CA LYS E 7 38.38 -2.23 -25.33
C LYS E 7 37.98 -3.42 -26.21
N THR E 8 37.99 -4.63 -25.65
CA THR E 8 37.58 -5.82 -26.40
C THR E 8 36.08 -5.93 -26.67
N LEU E 9 35.26 -5.15 -25.95
CA LEU E 9 33.83 -4.99 -26.27
C LEU E 9 33.62 -4.26 -27.62
N GLN E 10 34.53 -3.33 -27.92
CA GLN E 10 34.54 -2.62 -29.21
C GLN E 10 34.98 -3.50 -30.37
N ARG E 11 36.13 -4.18 -30.22
CA ARG E 11 36.61 -5.15 -31.21
C ARG E 11 35.54 -6.18 -31.51
N PHE E 12 34.83 -6.60 -30.47
CA PHE E 12 33.72 -7.55 -30.55
C PHE E 12 32.56 -7.00 -31.38
N GLU E 13 32.04 -5.82 -31.04
CA GLU E 13 30.89 -5.30 -31.77
C GLU E 13 31.21 -4.73 -33.15
N ASN E 14 32.52 -4.64 -33.45
CA ASN E 14 32.98 -4.45 -34.82
C ASN E 14 32.75 -5.73 -35.60
N LYS E 15 33.26 -6.83 -35.07
CA LYS E 15 33.10 -8.15 -35.67
C LYS E 15 31.63 -8.52 -35.84
N ILE E 16 30.75 -7.93 -35.02
CA ILE E 16 29.32 -8.20 -35.11
C ILE E 16 28.62 -7.35 -36.18
N LYS E 17 29.02 -6.09 -36.33
CA LYS E 17 28.53 -5.28 -37.45
C LYS E 17 28.99 -5.84 -38.80
N ALA E 18 30.21 -6.39 -38.81
CA ALA E 18 30.79 -7.01 -40.01
C ALA E 18 30.12 -8.34 -40.37
N GLY E 19 29.37 -8.91 -39.42
CA GLY E 19 28.76 -10.22 -39.59
C GLY E 19 29.71 -11.41 -39.42
N ASP E 20 30.87 -11.18 -38.79
CA ASP E 20 31.82 -12.24 -38.43
C ASP E 20 31.42 -12.88 -37.09
N TYR E 21 30.37 -13.68 -37.14
CA TYR E 21 29.75 -14.14 -35.92
C TYR E 21 30.58 -15.16 -35.16
N TYR E 22 31.16 -16.12 -35.88
CA TYR E 22 32.03 -17.10 -35.25
C TYR E 22 33.25 -16.47 -34.58
N GLU E 23 33.88 -15.47 -35.22
CA GLU E 23 35.06 -14.82 -34.62
C GLU E 23 34.68 -14.06 -33.38
N ALA E 24 33.59 -13.29 -33.47
CA ALA E 24 33.06 -12.56 -32.36
C ALA E 24 32.81 -13.50 -31.17
N HIS E 25 32.07 -14.57 -31.42
CA HIS E 25 31.71 -15.52 -30.37
C HIS E 25 32.96 -16.13 -29.73
N GLN E 26 33.82 -16.68 -30.57
CA GLN E 26 35.00 -17.41 -30.14
C GLN E 26 35.98 -16.54 -29.33
N THR E 27 36.25 -15.33 -29.83
CA THR E 27 37.18 -14.43 -29.13
C THR E 27 36.63 -14.01 -27.77
N LEU E 28 35.35 -13.65 -27.73
CA LEU E 28 34.72 -13.25 -26.48
C LEU E 28 34.79 -14.37 -25.44
N ARG E 29 34.51 -15.59 -25.88
CA ARG E 29 34.53 -16.74 -24.97
C ARG E 29 35.90 -17.02 -24.37
N THR E 30 36.95 -16.98 -25.18
CA THR E 30 38.29 -17.24 -24.65
C THR E 30 38.74 -16.09 -23.72
N ILE E 31 38.31 -14.87 -24.02
CA ILE E 31 38.57 -13.74 -23.13
C ILE E 31 37.75 -13.84 -21.84
N ALA E 32 36.52 -14.31 -21.96
CA ALA E 32 35.67 -14.54 -20.80
C ALA E 32 36.24 -15.65 -19.91
N ASN E 33 36.72 -16.71 -20.54
CA ASN E 33 37.35 -17.79 -19.82
C ASN E 33 38.44 -17.31 -18.87
N ARG E 34 39.29 -16.42 -19.40
CA ARG E 34 40.42 -15.89 -18.64
C ARG E 34 39.98 -15.13 -17.40
N TYR E 35 38.90 -14.37 -17.50
CA TYR E 35 38.33 -13.71 -16.33
C TYR E 35 37.81 -14.70 -15.29
N VAL E 36 37.10 -15.73 -15.75
CA VAL E 36 36.57 -16.78 -14.86
C VAL E 36 37.71 -17.54 -14.18
N ARG E 37 38.75 -17.82 -14.95
CA ARG E 37 39.93 -18.54 -14.51
C ARG E 37 40.57 -17.83 -13.32
N SER E 38 40.74 -16.52 -13.44
CA SER E 38 41.37 -15.73 -12.40
C SER E 38 40.36 -15.16 -11.40
N LYS E 39 39.14 -15.72 -11.37
CA LYS E 39 38.11 -15.37 -10.36
C LYS E 39 37.65 -13.91 -10.38
N SER E 40 37.82 -13.25 -11.54
CA SER E 40 37.31 -11.89 -11.77
C SER E 40 35.87 -11.95 -12.32
N TYR E 41 34.95 -12.33 -11.45
CA TYR E 41 33.60 -12.72 -11.86
C TYR E 41 32.76 -11.59 -12.45
N GLU E 42 32.89 -10.40 -11.85
CA GLU E 42 32.16 -9.23 -12.33
C GLU E 42 32.49 -8.89 -13.77
N HIS E 43 33.77 -8.98 -14.10
CA HIS E 43 34.25 -8.78 -15.47
C HIS E 43 33.64 -9.80 -16.45
N ALA E 44 33.66 -11.08 -16.06
CA ALA E 44 33.08 -12.14 -16.90
C ALA E 44 31.59 -11.91 -17.08
N ILE E 45 30.91 -11.61 -15.99
CA ILE E 45 29.49 -11.34 -16.01
C ILE E 45 29.14 -10.21 -17.01
N GLU E 46 29.83 -9.07 -16.91
CA GLU E 46 29.55 -7.96 -17.83
C GLU E 46 29.87 -8.30 -19.29
N LEU E 47 31.01 -8.95 -19.51
CA LEU E 47 31.41 -9.31 -20.87
C LEU E 47 30.42 -10.28 -21.49
N ILE E 48 30.15 -11.38 -20.79
CA ILE E 48 29.26 -12.42 -21.30
C ILE E 48 27.85 -11.89 -21.59
N SER E 49 27.26 -11.15 -20.66
CA SER E 49 25.88 -10.68 -20.83
C SER E 49 25.76 -9.66 -21.95
N GLN E 50 26.73 -8.75 -22.00
CA GLN E 50 26.78 -7.78 -23.10
C GLN E 50 26.90 -8.51 -24.43
N GLY E 51 27.77 -9.51 -24.47
CA GLY E 51 27.96 -10.33 -25.66
C GLY E 51 26.69 -11.01 -26.08
N ALA E 52 25.97 -11.57 -25.11
CA ALA E 52 24.72 -12.27 -25.40
C ALA E 52 23.71 -11.30 -25.99
N LEU E 53 23.69 -10.10 -25.44
CA LEU E 53 22.73 -9.09 -25.83
C LEU E 53 22.88 -8.71 -27.31
N SER E 54 24.11 -8.53 -27.75
CA SER E 54 24.31 -8.06 -29.11
C SER E 54 24.18 -9.16 -30.14
N PHE E 55 24.31 -10.41 -29.71
CA PHE E 55 24.02 -11.51 -30.61
C PHE E 55 22.53 -11.57 -30.83
N LEU E 56 21.77 -11.38 -29.76
CA LEU E 56 20.31 -11.43 -29.84
C LEU E 56 19.74 -10.25 -30.61
N LYS E 57 20.34 -9.07 -30.42
CA LYS E 57 19.93 -7.90 -31.17
C LYS E 57 20.24 -8.11 -32.65
N ALA E 58 21.34 -8.81 -32.94
CA ALA E 58 21.72 -9.12 -34.32
C ALA E 58 20.99 -10.33 -34.91
N LYS E 59 19.94 -10.81 -34.23
CA LYS E 59 19.17 -12.00 -34.63
C LYS E 59 20.01 -13.29 -34.74
N GLN E 60 21.07 -13.38 -33.94
CA GLN E 60 21.90 -14.60 -33.89
C GLN E 60 21.53 -15.44 -32.68
N GLY E 61 20.34 -16.03 -32.76
CA GLY E 61 19.78 -16.79 -31.64
C GLY E 61 20.72 -17.80 -31.02
N GLY E 62 21.39 -18.59 -31.86
CA GLY E 62 22.25 -19.67 -31.38
C GLY E 62 23.35 -19.22 -30.44
N SER E 63 24.09 -18.20 -30.87
CA SER E 63 25.24 -17.74 -30.12
C SER E 63 24.83 -16.94 -28.88
N GLY E 64 23.74 -16.16 -28.98
CA GLY E 64 23.24 -15.40 -27.85
C GLY E 64 22.68 -16.29 -26.74
N THR E 65 21.93 -17.29 -27.18
CA THR E 65 21.46 -18.35 -26.32
C THR E 65 22.62 -19.07 -25.62
N ASP E 66 23.64 -19.47 -26.38
CA ASP E 66 24.84 -20.09 -25.81
C ASP E 66 25.45 -19.21 -24.75
N LEU E 67 25.55 -17.91 -25.02
CA LEU E 67 26.13 -17.00 -24.06
C LEU E 67 25.24 -16.78 -22.81
N ILE E 68 23.93 -16.88 -22.96
CA ILE E 68 23.05 -16.85 -21.79
C ILE E 68 23.34 -18.05 -20.87
N PHE E 69 23.54 -19.23 -21.46
CA PHE E 69 23.89 -20.41 -20.66
C PHE E 69 25.25 -20.26 -20.00
N TYR E 70 26.17 -19.62 -20.71
CA TYR E 70 27.49 -19.34 -20.18
C TYR E 70 27.35 -18.41 -18.97
N LEU E 71 26.54 -17.35 -19.12
CA LEU E 71 26.24 -16.44 -18.03
C LEU E 71 25.71 -17.19 -16.79
N LEU E 72 24.75 -18.09 -17.01
CA LEU E 72 24.17 -18.87 -15.93
C LEU E 72 25.18 -19.80 -15.25
N GLU E 73 26.11 -20.31 -16.04
CA GLU E 73 27.21 -21.12 -15.51
C GLU E 73 28.07 -20.28 -14.55
N VAL E 74 28.39 -19.06 -14.95
CA VAL E 74 29.19 -18.19 -14.12
C VAL E 74 28.40 -17.71 -12.89
N TYR E 75 27.15 -17.32 -13.10
CA TYR E 75 26.24 -17.02 -11.99
C TYR E 75 26.33 -18.10 -10.90
N ASP E 76 26.31 -19.37 -11.34
CA ASP E 76 26.36 -20.51 -10.43
C ASP E 76 27.73 -20.65 -9.78
N LEU E 77 28.76 -20.41 -10.58
CA LEU E 77 30.13 -20.51 -10.13
C LEU E 77 30.45 -19.48 -9.08
N ALA E 78 30.05 -18.24 -9.35
CA ALA E 78 30.34 -17.10 -8.47
C ALA E 78 29.33 -16.98 -7.33
N GLU E 79 28.38 -17.92 -7.29
CA GLU E 79 27.33 -17.95 -6.25
C GLU E 79 26.54 -16.65 -6.16
N VAL E 80 26.23 -16.10 -7.33
CA VAL E 80 25.49 -14.85 -7.49
C VAL E 80 24.08 -14.99 -6.93
N LYS E 81 23.80 -14.29 -5.82
CA LYS E 81 22.50 -14.37 -5.16
C LYS E 81 21.44 -13.62 -5.93
N VAL E 82 20.20 -14.08 -5.85
CA VAL E 82 19.09 -13.39 -6.47
C VAL E 82 18.87 -12.05 -5.78
N ASP E 83 19.08 -10.96 -6.55
CA ASP E 83 18.74 -9.62 -6.11
C ASP E 83 18.34 -8.81 -7.34
N ASP E 84 18.11 -7.51 -7.15
CA ASP E 84 17.63 -6.67 -8.24
C ASP E 84 18.58 -6.62 -9.45
N ILE E 85 19.88 -6.48 -9.18
CA ILE E 85 20.90 -6.42 -10.24
C ILE E 85 21.08 -7.76 -10.96
N SER E 86 21.09 -8.85 -10.19
CA SER E 86 21.12 -10.23 -10.70
C SER E 86 20.03 -10.48 -11.72
N VAL E 87 18.81 -10.11 -11.33
CA VAL E 87 17.62 -10.43 -12.08
C VAL E 87 17.48 -9.51 -13.30
N ALA E 88 17.80 -8.23 -13.13
CA ALA E 88 17.71 -7.26 -14.22
C ALA E 88 18.59 -7.64 -15.44
N ARG E 89 19.75 -8.24 -15.21
CA ARG E 89 20.57 -8.73 -16.32
C ARG E 89 19.82 -9.77 -17.13
N LEU E 90 19.07 -10.62 -16.43
CA LEU E 90 18.32 -11.65 -17.08
C LEU E 90 17.10 -11.08 -17.75
N VAL E 91 16.47 -10.08 -17.12
CA VAL E 91 15.28 -9.43 -17.66
C VAL E 91 15.63 -8.72 -18.97
N ARG E 92 16.73 -7.98 -18.96
CA ARG E 92 17.21 -7.28 -20.13
C ARG E 92 17.45 -8.27 -21.29
N LEU E 93 18.02 -9.43 -20.98
CA LEU E 93 18.23 -10.48 -21.97
C LEU E 93 16.94 -11.12 -22.47
N ILE E 94 16.03 -11.47 -21.56
CA ILE E 94 14.73 -12.03 -21.93
C ILE E 94 14.02 -11.15 -22.96
N ALA E 95 14.14 -9.84 -22.79
CA ALA E 95 13.56 -8.87 -23.73
C ALA E 95 13.99 -9.11 -25.18
N GLU E 96 15.27 -9.39 -25.39
CA GLU E 96 15.81 -9.55 -26.75
C GLU E 96 15.64 -10.95 -27.36
N LEU E 97 15.08 -11.88 -26.59
CA LEU E 97 14.88 -13.23 -27.06
C LEU E 97 13.70 -13.32 -28.02
N ASP E 98 13.95 -13.85 -29.21
CA ASP E 98 12.87 -14.17 -30.12
C ASP E 98 11.98 -15.22 -29.44
N PRO E 99 10.66 -14.99 -29.41
CA PRO E 99 9.67 -15.94 -28.88
C PRO E 99 9.75 -17.31 -29.57
N SER E 100 10.36 -17.33 -30.75
CA SER E 100 10.48 -18.53 -31.56
C SER E 100 11.76 -19.32 -31.32
N GLU E 101 12.73 -18.72 -30.61
CA GLU E 101 13.99 -19.41 -30.34
C GLU E 101 13.73 -20.88 -30.01
N PRO E 102 14.40 -21.80 -30.74
CA PRO E 102 14.27 -23.22 -30.48
C PRO E 102 14.61 -23.59 -29.03
N ASN E 103 15.47 -22.81 -28.37
CA ASN E 103 15.90 -23.04 -27.00
C ASN E 103 15.10 -22.33 -25.91
N LEU E 104 14.07 -21.57 -26.28
CA LEU E 104 13.44 -20.63 -25.37
C LEU E 104 13.15 -21.22 -24.00
N LYS E 105 12.43 -22.34 -23.99
CA LYS E 105 12.02 -23.00 -22.75
C LYS E 105 13.20 -23.48 -21.91
N ASP E 106 14.25 -23.97 -22.58
CA ASP E 106 15.50 -24.33 -21.90
C ASP E 106 16.18 -23.13 -21.24
N VAL E 107 16.21 -22.01 -21.94
CA VAL E 107 16.82 -20.78 -21.42
C VAL E 107 16.07 -20.30 -20.20
N ILE E 108 14.74 -20.33 -20.30
CA ILE E 108 13.84 -19.95 -19.22
C ILE E 108 14.03 -20.85 -18.00
N THR E 109 14.07 -22.15 -18.23
CA THR E 109 14.29 -23.11 -17.17
C THR E 109 15.66 -22.90 -16.51
N GLY E 110 16.67 -22.62 -17.33
CA GLY E 110 18.00 -22.30 -16.83
C GLY E 110 17.99 -21.12 -15.88
N MSE E 111 17.37 -20.01 -16.33
CA MSE E 111 17.23 -18.82 -15.50
C MSE E 111 16.46 -19.14 -14.24
O MSE E 111 16.90 -18.81 -13.15
CB MSE E 111 16.57 -17.70 -16.27
CG MSE E 111 17.43 -17.10 -17.34
SE MSE E 111 16.38 -15.82 -18.37
CE MSE E 111 15.10 -17.05 -19.19
N ASN E 112 15.29 -19.77 -14.37
CA ASN E 112 14.49 -20.08 -13.20
C ASN E 112 15.23 -20.95 -12.21
N ASN E 113 15.83 -22.03 -12.70
CA ASN E 113 16.62 -22.92 -11.84
C ASN E 113 17.75 -22.26 -11.04
N TRP E 114 18.42 -21.29 -11.66
CA TRP E 114 19.37 -20.48 -10.91
C TRP E 114 18.65 -19.70 -9.80
N SER E 115 17.48 -19.14 -10.12
CA SER E 115 16.77 -18.35 -9.13
C SER E 115 16.20 -19.18 -8.00
N ILE E 116 15.98 -20.47 -8.24
CA ILE E 116 15.56 -21.37 -7.16
C ILE E 116 16.74 -21.58 -6.24
N LYS E 117 17.88 -21.99 -6.81
CA LYS E 117 19.08 -22.31 -6.04
C LYS E 117 19.59 -21.16 -5.16
N PHE E 118 19.44 -19.93 -5.64
CA PHE E 118 20.01 -18.76 -4.96
C PHE E 118 18.99 -17.77 -4.38
N SER E 119 17.84 -18.31 -3.96
CA SER E 119 16.83 -17.53 -3.25
C SER E 119 16.10 -18.48 -2.31
N GLU E 120 15.09 -17.99 -1.62
CA GLU E 120 14.33 -18.84 -0.70
C GLU E 120 12.99 -19.29 -1.29
N TYR E 121 12.80 -19.03 -2.58
CA TYR E 121 11.58 -19.44 -3.30
C TYR E 121 11.73 -20.85 -3.88
N LYS E 122 10.80 -21.74 -3.53
CA LYS E 122 10.85 -23.11 -4.03
C LYS E 122 10.80 -23.14 -5.56
N PHE E 123 10.03 -22.22 -6.13
CA PHE E 123 9.77 -22.22 -7.56
C PHE E 123 10.40 -21.07 -8.33
N GLY E 124 11.21 -20.26 -7.66
CA GLY E 124 11.96 -19.21 -8.33
C GLY E 124 11.50 -17.83 -7.95
N ASP E 125 12.33 -16.84 -8.27
CA ASP E 125 12.05 -15.45 -7.96
C ASP E 125 10.78 -14.98 -8.66
N PRO E 126 9.85 -14.33 -7.91
CA PRO E 126 8.59 -13.85 -8.49
C PRO E 126 8.79 -12.76 -9.53
N TYR E 127 9.70 -11.81 -9.28
CA TYR E 127 9.91 -10.72 -10.21
C TYR E 127 10.44 -11.24 -11.55
N LEU E 128 11.34 -12.22 -11.50
CA LEU E 128 11.82 -12.92 -12.69
C LEU E 128 10.68 -13.65 -13.42
N HIS E 129 9.80 -14.28 -12.65
CA HIS E 129 8.65 -14.98 -13.20
C HIS E 129 7.74 -14.06 -13.99
N ASN E 130 7.64 -12.81 -13.54
CA ASN E 130 6.80 -11.85 -14.21
C ASN E 130 7.28 -11.63 -15.65
N THR E 131 8.60 -11.50 -15.84
CA THR E 131 9.15 -11.30 -17.17
C THR E 131 9.10 -12.59 -18.01
N ILE E 132 9.47 -13.72 -17.41
CA ILE E 132 9.41 -15.00 -18.12
C ILE E 132 8.00 -15.26 -18.65
N GLY E 133 7.02 -15.03 -17.78
CA GLY E 133 5.63 -15.19 -18.15
C GLY E 133 5.29 -14.47 -19.45
N SER E 134 5.64 -13.19 -19.51
CA SER E 134 5.33 -12.36 -20.67
C SER E 134 5.97 -12.88 -21.96
N LYS E 135 7.24 -13.31 -21.87
CA LYS E 135 7.92 -13.90 -23.02
C LYS E 135 7.17 -15.13 -23.51
N LEU E 136 6.83 -16.02 -22.57
CA LEU E 136 6.17 -17.25 -22.91
C LEU E 136 4.88 -16.99 -23.66
N LEU E 137 4.15 -15.97 -23.21
CA LEU E 137 2.89 -15.60 -23.83
C LEU E 137 3.07 -15.06 -25.25
N GLU E 138 4.16 -14.33 -25.47
CA GLU E 138 4.50 -13.87 -26.81
C GLU E 138 4.63 -15.03 -27.79
N GLY E 139 5.12 -16.17 -27.29
CA GLY E 139 5.32 -17.36 -28.12
C GLY E 139 4.08 -18.23 -28.16
N ASP E 140 2.98 -17.67 -27.66
CA ASP E 140 1.72 -18.40 -27.55
C ASP E 140 1.78 -19.59 -26.58
N PHE E 141 2.78 -19.64 -25.70
CA PHE E 141 2.91 -20.73 -24.74
C PHE E 141 2.06 -20.46 -23.50
N VAL E 142 0.75 -20.49 -23.73
CA VAL E 142 -0.23 -19.95 -22.80
C VAL E 142 -0.20 -20.64 -21.44
N TYR E 143 -0.14 -21.97 -21.43
CA TYR E 143 -0.15 -22.72 -20.17
C TYR E 143 1.09 -22.50 -19.32
N GLU E 144 2.24 -22.29 -19.97
CA GLU E 144 3.47 -21.98 -19.26
C GLU E 144 3.42 -20.57 -18.70
N ALA E 145 2.87 -19.64 -19.48
CA ALA E 145 2.72 -18.25 -19.03
C ALA E 145 1.86 -18.22 -17.78
N GLU E 146 0.73 -18.94 -17.84
CA GLU E 146 -0.17 -19.04 -16.71
C GLU E 146 0.59 -19.40 -15.44
N ARG E 147 1.44 -20.41 -15.49
CA ARG E 147 2.13 -20.86 -14.29
C ARG E 147 3.09 -19.84 -13.76
N TYR E 148 3.84 -19.22 -14.66
CA TYR E 148 4.78 -18.23 -14.23
C TYR E 148 4.06 -17.00 -13.65
N PHE E 149 2.94 -16.60 -14.23
CA PHE E 149 2.20 -15.46 -13.69
C PHE E 149 1.65 -15.79 -12.32
N MSE E 150 1.05 -16.96 -12.21
CA MSE E 150 0.53 -17.48 -10.96
C MSE E 150 1.58 -17.36 -9.85
O MSE E 150 1.26 -16.98 -8.72
CB MSE E 150 0.11 -18.93 -11.18
CG MSE E 150 -0.20 -19.74 -9.97
SE MSE E 150 -0.59 -21.51 -10.65
CE MSE E 150 -0.75 -22.37 -8.88
N LEU E 151 2.84 -17.61 -10.20
CA LEU E 151 3.93 -17.58 -9.22
C LEU E 151 4.70 -16.27 -9.29
N GLY E 152 4.04 -15.23 -9.77
CA GLY E 152 4.69 -13.93 -9.97
C GLY E 152 4.34 -12.87 -8.95
N THR E 153 4.37 -11.62 -9.41
CA THR E 153 4.16 -10.47 -8.56
C THR E 153 2.74 -9.97 -8.76
N HIS E 154 2.42 -8.85 -8.14
CA HIS E 154 1.12 -8.21 -8.37
C HIS E 154 0.92 -7.88 -9.86
N ASP E 155 1.97 -7.39 -10.53
CA ASP E 155 1.91 -7.17 -11.98
C ASP E 155 1.52 -8.43 -12.72
N SER E 156 2.09 -9.55 -12.31
CA SER E 156 1.77 -10.86 -12.92
C SER E 156 0.30 -11.15 -12.78
N MSE E 157 -0.28 -10.81 -11.65
CA MSE E 157 -1.69 -11.07 -11.44
C MSE E 157 -2.53 -10.28 -12.47
O MSE E 157 -3.46 -10.85 -13.05
CB MSE E 157 -2.08 -10.72 -9.99
CG MSE E 157 -3.50 -11.04 -9.63
SE MSE E 157 -4.63 -9.47 -9.88
CE MSE E 157 -3.78 -8.15 -8.69
N ILE E 158 -2.16 -9.01 -12.70
CA ILE E 158 -2.82 -8.20 -13.72
C ILE E 158 -2.68 -8.90 -15.08
N LYS E 159 -1.46 -9.30 -15.42
CA LYS E 159 -1.17 -9.92 -16.71
C LYS E 159 -1.89 -11.24 -16.87
N TYR E 160 -2.04 -11.97 -15.78
CA TYR E 160 -2.75 -13.23 -15.76
C TYR E 160 -4.22 -13.00 -16.09
N VAL E 161 -4.85 -12.04 -15.43
CA VAL E 161 -6.24 -11.69 -15.73
C VAL E 161 -6.41 -11.32 -17.20
N ASP E 162 -5.47 -10.52 -17.72
CA ASP E 162 -5.47 -10.12 -19.13
C ASP E 162 -5.36 -11.32 -20.07
N LEU E 163 -4.44 -12.23 -19.73
CA LEU E 163 -4.24 -13.46 -20.45
C LEU E 163 -5.56 -14.21 -20.57
N LEU E 164 -6.21 -14.42 -19.42
CA LEU E 164 -7.44 -15.16 -19.40
C LEU E 164 -8.58 -14.42 -20.08
N TRP E 165 -8.65 -13.10 -19.86
CA TRP E 165 -9.70 -12.28 -20.42
C TRP E 165 -9.62 -12.19 -21.95
N ASP E 166 -8.42 -11.92 -22.46
CA ASP E 166 -8.20 -11.89 -23.91
C ASP E 166 -8.56 -13.20 -24.56
N TRP E 167 -8.22 -14.29 -23.89
CA TRP E 167 -8.49 -15.63 -24.40
C TRP E 167 -9.98 -15.91 -24.53
N LEU E 168 -10.74 -15.56 -23.49
CA LEU E 168 -12.20 -15.68 -23.51
C LEU E 168 -12.82 -14.87 -24.64
N CYS E 169 -12.27 -13.69 -24.88
CA CYS E 169 -12.78 -12.85 -25.95
C CYS E 169 -12.45 -13.38 -27.34
N GLN E 170 -11.38 -14.17 -27.46
CA GLN E 170 -11.03 -14.81 -28.73
C GLN E 170 -12.03 -15.90 -29.10
N VAL E 171 -12.72 -16.45 -28.11
CA VAL E 171 -13.67 -17.53 -28.33
C VAL E 171 -14.90 -17.02 -29.07
N ASP E 172 -15.16 -17.61 -30.23
CA ASP E 172 -16.23 -17.12 -31.11
C ASP E 172 -17.63 -17.41 -30.62
N ASP E 173 -17.87 -18.64 -30.20
CA ASP E 173 -19.19 -19.05 -29.71
C ASP E 173 -19.19 -19.25 -28.20
N ILE E 174 -19.35 -18.13 -27.49
CA ILE E 174 -19.34 -18.09 -26.03
C ILE E 174 -20.55 -18.86 -25.50
N GLU E 175 -20.52 -19.23 -24.22
CA GLU E 175 -21.59 -20.00 -23.56
C GLU E 175 -21.61 -19.75 -22.03
N ASP E 176 -22.60 -20.33 -21.35
CA ASP E 176 -22.72 -20.24 -19.90
C ASP E 176 -21.54 -20.91 -19.19
N SER E 177 -21.16 -22.08 -19.70
CA SER E 177 -20.04 -22.84 -19.16
C SER E 177 -18.69 -22.28 -19.61
N THR E 178 -18.69 -21.50 -20.69
CA THR E 178 -17.46 -20.91 -21.26
C THR E 178 -16.77 -19.93 -20.30
N VAL E 179 -17.50 -18.96 -19.79
CA VAL E 179 -16.92 -17.94 -18.91
C VAL E 179 -16.29 -18.58 -17.67
N ALA E 180 -17.00 -19.57 -17.10
CA ALA E 180 -16.52 -20.27 -15.92
C ALA E 180 -15.20 -21.03 -16.18
N GLU E 181 -15.00 -21.51 -17.40
CA GLU E 181 -13.79 -22.24 -17.73
C GLU E 181 -12.55 -21.37 -17.51
N PHE E 182 -12.73 -20.07 -17.71
CA PHE E 182 -11.65 -19.12 -17.56
C PHE E 182 -11.64 -18.57 -16.16
N PHE E 183 -12.78 -18.05 -15.71
CA PHE E 183 -12.90 -17.53 -14.35
C PHE E 183 -12.42 -18.53 -13.29
N SER E 184 -12.82 -19.80 -13.41
CA SER E 184 -12.47 -20.80 -12.40
C SER E 184 -10.96 -20.90 -12.21
N ARG E 185 -10.22 -20.59 -13.28
CA ARG E 185 -8.78 -20.72 -13.21
C ARG E 185 -8.13 -19.73 -12.22
N LEU E 186 -8.69 -18.52 -12.11
CA LEU E 186 -8.21 -17.52 -11.13
C LEU E 186 -8.54 -17.96 -9.73
N VAL E 187 -9.78 -18.37 -9.52
CA VAL E 187 -10.16 -18.80 -8.20
C VAL E 187 -9.34 -20.00 -7.75
N PHE E 188 -9.28 -21.06 -8.56
CA PHE E 188 -8.49 -22.25 -8.19
C PHE E 188 -7.02 -21.98 -7.99
N ASN E 189 -6.38 -21.34 -8.96
CA ASN E 189 -4.93 -21.13 -8.89
C ASN E 189 -4.51 -20.32 -7.68
N TYR E 190 -5.23 -19.25 -7.40
CA TYR E 190 -4.87 -18.43 -6.25
C TYR E 190 -5.27 -19.08 -4.93
N LEU E 191 -6.33 -19.89 -4.94
CA LEU E 191 -6.62 -20.70 -3.77
C LEU E 191 -5.51 -21.74 -3.56
N PHE E 192 -5.01 -22.34 -4.63
CA PHE E 192 -3.98 -23.36 -4.48
C PHE E 192 -2.73 -22.81 -3.80
N ILE E 193 -2.34 -21.56 -4.11
CA ILE E 193 -1.16 -20.96 -3.48
C ILE E 193 -1.50 -20.11 -2.26
N SER E 194 -2.76 -20.18 -1.83
CA SER E 194 -3.24 -19.43 -0.67
C SER E 194 -3.00 -17.92 -0.73
N ASN E 195 -3.05 -17.36 -1.95
CA ASN E 195 -3.09 -15.92 -2.12
C ASN E 195 -4.53 -15.41 -2.24
N ILE E 196 -5.19 -15.30 -1.08
CA ILE E 196 -6.60 -14.88 -1.01
C ILE E 196 -6.79 -13.49 -1.58
N SER E 197 -5.82 -12.62 -1.27
CA SER E 197 -5.81 -11.27 -1.77
C SER E 197 -5.86 -11.22 -3.30
N PHE E 198 -4.96 -11.96 -3.95
CA PHE E 198 -4.95 -12.00 -5.41
C PHE E 198 -6.21 -12.65 -5.91
N ALA E 199 -6.68 -13.68 -5.22
CA ALA E 199 -7.93 -14.33 -5.58
C ALA E 199 -9.06 -13.32 -5.66
N HIS E 200 -9.19 -12.51 -4.61
CA HIS E 200 -10.26 -11.52 -4.59
C HIS E 200 -10.06 -10.45 -5.63
N GLU E 201 -8.83 -9.92 -5.72
CA GLU E 201 -8.58 -8.79 -6.61
C GLU E 201 -8.73 -9.14 -8.08
N SER E 202 -8.25 -10.31 -8.48
CA SER E 202 -8.38 -10.77 -9.86
C SER E 202 -9.84 -11.17 -10.19
N LYS E 203 -10.56 -11.71 -9.21
CA LYS E 203 -11.99 -11.95 -9.37
C LYS E 203 -12.74 -10.64 -9.71
N ASP E 204 -12.42 -9.58 -8.97
CA ASP E 204 -13.04 -8.28 -9.17
C ASP E 204 -12.75 -7.68 -10.55
N ILE E 205 -11.48 -7.69 -10.96
CA ILE E 205 -11.13 -7.20 -12.29
C ILE E 205 -11.88 -8.00 -13.34
N PHE E 206 -11.79 -9.31 -13.23
CA PHE E 206 -12.41 -10.19 -14.22
C PHE E 206 -13.93 -10.08 -14.32
N LEU E 207 -14.62 -10.14 -13.19
CA LEU E 207 -16.08 -9.96 -13.20
C LEU E 207 -16.56 -8.59 -13.69
N GLU E 208 -15.79 -7.54 -13.42
CA GLU E 208 -16.15 -6.19 -13.90
C GLU E 208 -16.10 -6.15 -15.41
N ARG E 209 -15.05 -6.73 -15.98
CA ARG E 209 -14.88 -6.77 -17.42
C ARG E 209 -15.94 -7.60 -18.07
N PHE E 210 -16.33 -8.68 -17.40
CA PHE E 210 -17.37 -9.56 -17.89
C PHE E 210 -18.69 -8.79 -17.97
N ILE E 211 -19.02 -8.11 -16.86
CA ILE E 211 -20.21 -7.25 -16.79
C ILE E 211 -20.22 -6.16 -17.87
N GLU E 212 -19.13 -5.42 -18.00
CA GLU E 212 -19.08 -4.29 -18.93
C GLU E 212 -19.15 -4.70 -20.40
N LYS E 213 -18.76 -5.93 -20.72
CA LYS E 213 -18.78 -6.39 -22.10
C LYS E 213 -20.05 -7.19 -22.44
N PHE E 214 -20.44 -8.13 -21.59
CA PHE E 214 -21.57 -9.01 -21.93
C PHE E 214 -22.93 -8.60 -21.36
N HIS E 215 -22.94 -7.59 -20.49
CA HIS E 215 -24.17 -7.09 -19.87
C HIS E 215 -25.07 -8.21 -19.39
N PRO E 216 -24.54 -9.08 -18.51
CA PRO E 216 -25.40 -10.11 -17.95
C PRO E 216 -26.34 -9.49 -16.93
N LYS E 217 -27.41 -10.19 -16.60
CA LYS E 217 -28.27 -9.76 -15.53
C LYS E 217 -27.61 -10.16 -14.21
N TYR E 218 -27.50 -9.19 -13.31
CA TYR E 218 -26.82 -9.40 -12.04
C TYR E 218 -27.29 -8.43 -10.96
N GLU E 219 -27.14 -8.82 -9.70
CA GLU E 219 -27.19 -7.84 -8.62
C GLU E 219 -26.17 -8.11 -7.54
N LYS E 220 -25.55 -7.04 -7.05
CA LYS E 220 -24.54 -7.12 -6.01
C LYS E 220 -25.19 -7.34 -4.65
N ILE E 221 -24.84 -8.47 -4.01
CA ILE E 221 -25.27 -8.81 -2.68
C ILE E 221 -24.12 -8.54 -1.72
N ASP E 222 -24.40 -7.74 -0.68
CA ASP E 222 -23.37 -7.31 0.28
C ASP E 222 -23.77 -7.70 1.69
N LYS E 223 -22.89 -8.43 2.36
CA LYS E 223 -23.15 -8.84 3.73
C LYS E 223 -21.85 -8.86 4.51
N ASN E 224 -21.88 -8.21 5.67
CA ASN E 224 -20.70 -8.08 6.55
C ASN E 224 -19.39 -7.78 5.83
N GLY E 225 -19.42 -6.85 4.90
CA GLY E 225 -18.21 -6.39 4.24
C GLY E 225 -17.71 -7.28 3.11
N TYR E 226 -18.49 -8.31 2.76
CA TYR E 226 -18.15 -9.18 1.64
C TYR E 226 -19.17 -8.95 0.53
N GLU E 227 -18.76 -9.17 -0.72
CA GLU E 227 -19.66 -8.99 -1.87
C GLU E 227 -19.67 -10.18 -2.81
N ILE E 228 -20.86 -10.67 -3.11
CA ILE E 228 -21.05 -11.65 -4.18
C ILE E 228 -21.74 -10.94 -5.35
N VAL E 229 -21.19 -11.04 -6.55
CA VAL E 229 -21.92 -10.57 -7.72
C VAL E 229 -22.83 -11.70 -8.15
N PHE E 230 -24.12 -11.55 -7.91
CA PHE E 230 -25.03 -12.65 -8.16
C PHE E 230 -25.52 -12.58 -9.59
N PHE E 231 -25.16 -13.59 -10.37
CA PHE E 231 -25.56 -13.66 -11.77
C PHE E 231 -26.79 -14.51 -11.89
N GLU E 232 -27.81 -13.98 -12.56
CA GLU E 232 -29.05 -14.72 -12.75
C GLU E 232 -28.89 -15.91 -13.68
N ASP E 233 -27.91 -15.86 -14.58
CA ASP E 233 -27.75 -16.92 -15.57
C ASP E 233 -26.38 -17.60 -15.56
N TYR E 234 -25.60 -17.34 -14.52
CA TYR E 234 -24.26 -17.91 -14.43
C TYR E 234 -24.03 -18.53 -13.05
N SER E 235 -24.71 -19.65 -12.80
CA SER E 235 -24.67 -20.31 -11.50
C SER E 235 -23.26 -20.65 -11.14
N ASP E 236 -22.53 -21.12 -12.14
CA ASP E 236 -21.13 -21.49 -12.05
C ASP E 236 -20.34 -20.36 -11.39
N LEU E 237 -20.53 -19.14 -11.91
CA LEU E 237 -19.88 -17.96 -11.40
C LEU E 237 -20.24 -17.65 -9.93
N ASN E 238 -21.48 -17.92 -9.55
CA ASN E 238 -21.90 -17.71 -8.16
C ASN E 238 -21.19 -18.69 -7.25
N PHE E 239 -21.23 -19.96 -7.64
CA PHE E 239 -20.58 -21.04 -6.91
C PHE E 239 -19.11 -20.68 -6.68
N LEU E 240 -18.43 -20.25 -7.74
CA LEU E 240 -17.00 -20.00 -7.66
C LEU E 240 -16.67 -18.86 -6.69
N GLN E 241 -17.49 -17.81 -6.69
CA GLN E 241 -17.29 -16.72 -5.75
C GLN E 241 -17.53 -17.20 -4.33
N LEU E 242 -18.57 -18.00 -4.12
CA LEU E 242 -18.89 -18.52 -2.79
C LEU E 242 -17.80 -19.45 -2.30
N LEU E 243 -17.24 -20.24 -3.22
CA LEU E 243 -16.15 -21.16 -2.92
C LEU E 243 -14.97 -20.45 -2.26
N LEU E 244 -14.61 -19.29 -2.80
CA LEU E 244 -13.49 -18.51 -2.31
C LEU E 244 -13.72 -18.07 -0.85
N ILE E 245 -14.90 -17.52 -0.56
CA ILE E 245 -15.23 -17.13 0.81
C ILE E 245 -15.28 -18.35 1.72
N THR E 246 -15.88 -19.44 1.24
CA THR E 246 -15.95 -20.67 2.03
C THR E 246 -14.57 -21.12 2.51
N CYS E 247 -13.58 -21.12 1.60
CA CYS E 247 -12.25 -21.56 1.94
C CYS E 247 -11.62 -20.70 3.02
N GLN E 248 -12.04 -19.45 3.05
CA GLN E 248 -11.52 -18.50 4.02
C GLN E 248 -11.98 -18.87 5.43
N THR E 249 -13.18 -19.45 5.52
CA THR E 249 -13.78 -19.74 6.82
C THR E 249 -13.20 -21.00 7.41
N LYS E 250 -12.71 -21.89 6.54
CA LYS E 250 -12.21 -23.21 6.93
C LYS E 250 -13.25 -24.06 7.68
N ASP E 251 -14.52 -23.80 7.43
CA ASP E 251 -15.59 -24.51 8.07
C ASP E 251 -16.13 -25.61 7.16
N LYS E 252 -15.85 -26.86 7.52
CA LYS E 252 -16.33 -28.03 6.79
C LYS E 252 -17.82 -28.03 6.45
N SER E 253 -18.66 -27.56 7.38
CA SER E 253 -20.09 -27.64 7.16
C SER E 253 -20.57 -26.67 6.09
N TYR E 254 -19.94 -25.49 6.02
CA TYR E 254 -20.26 -24.54 4.95
C TYR E 254 -19.82 -25.12 3.62
N PHE E 255 -18.63 -25.74 3.60
CA PHE E 255 -18.12 -26.41 2.41
C PHE E 255 -19.07 -27.50 1.97
N LEU E 256 -19.54 -28.32 2.92
CA LEU E 256 -20.53 -29.34 2.62
C LEU E 256 -21.85 -28.75 2.09
N ASN E 257 -22.42 -27.75 2.79
CA ASN E 257 -23.63 -27.07 2.33
C ASN E 257 -23.49 -26.62 0.90
N LEU E 258 -22.37 -25.96 0.61
CA LEU E 258 -22.13 -25.36 -0.68
C LEU E 258 -22.15 -26.41 -1.76
N LYS E 259 -21.41 -27.49 -1.54
CA LYS E 259 -21.39 -28.62 -2.47
C LYS E 259 -22.75 -29.29 -2.61
N ASN E 260 -23.51 -29.41 -1.52
CA ASN E 260 -24.81 -30.09 -1.59
C ASN E 260 -25.80 -29.33 -2.45
N HIS E 261 -25.65 -28.01 -2.48
CA HIS E 261 -26.52 -27.18 -3.27
C HIS E 261 -26.18 -27.21 -4.76
N TYR E 262 -24.89 -27.26 -5.06
CA TYR E 262 -24.48 -27.27 -6.45
C TYR E 262 -23.92 -28.64 -6.81
N LEU E 263 -24.80 -29.63 -6.97
CA LEU E 263 -24.35 -31.02 -7.19
C LEU E 263 -23.54 -31.17 -8.44
N ASP E 264 -23.97 -30.51 -9.51
CA ASP E 264 -23.28 -30.63 -10.79
C ASP E 264 -21.87 -30.06 -10.76
N PHE E 265 -21.72 -28.89 -10.13
CA PHE E 265 -20.42 -28.24 -10.06
C PHE E 265 -19.46 -29.05 -9.21
N SER E 266 -20.00 -29.70 -8.17
CA SER E 266 -19.23 -30.61 -7.33
C SER E 266 -18.63 -31.74 -8.14
N GLN E 267 -19.39 -32.26 -9.10
CA GLN E 267 -18.88 -33.28 -9.99
C GLN E 267 -17.89 -32.69 -10.98
N ALA E 268 -18.24 -31.56 -11.58
CA ALA E 268 -17.38 -30.89 -12.55
C ALA E 268 -16.03 -30.51 -11.98
N TYR E 269 -15.98 -30.10 -10.71
CA TYR E 269 -14.72 -29.67 -10.11
C TYR E 269 -14.23 -30.66 -9.06
N LYS E 270 -14.63 -31.91 -9.23
CA LYS E 270 -14.29 -33.02 -8.36
C LYS E 270 -12.86 -33.00 -7.79
N SER E 271 -11.84 -33.02 -8.65
CA SER E 271 -10.49 -33.12 -8.11
C SER E 271 -10.01 -31.81 -7.48
N GLU E 272 -10.43 -30.67 -8.04
CA GLU E 272 -10.11 -29.37 -7.44
C GLU E 272 -10.69 -29.27 -6.04
N LEU E 273 -11.95 -29.63 -5.90
CA LEU E 273 -12.64 -29.57 -4.62
C LEU E 273 -12.07 -30.55 -3.58
N GLU E 274 -11.65 -31.74 -4.01
CA GLU E 274 -11.00 -32.67 -3.08
C GLU E 274 -9.71 -32.09 -2.50
N PHE E 275 -8.92 -31.46 -3.36
CA PHE E 275 -7.73 -30.78 -2.93
C PHE E 275 -8.05 -29.60 -2.00
N LEU E 276 -8.99 -28.75 -2.37
CA LEU E 276 -9.35 -27.62 -1.51
C LEU E 276 -9.85 -28.10 -0.16
N GLY E 277 -10.64 -29.18 -0.17
CA GLY E 277 -11.11 -29.79 1.06
C GLY E 277 -9.97 -30.22 1.95
N GLN E 278 -8.88 -30.68 1.35
CA GLN E 278 -7.71 -31.08 2.12
C GLN E 278 -6.95 -29.87 2.62
N GLU E 279 -6.74 -28.89 1.76
CA GLU E 279 -5.88 -27.76 2.07
C GLU E 279 -6.54 -26.82 3.08
N TYR E 280 -7.82 -26.53 2.89
CA TYR E 280 -8.52 -25.55 3.69
C TYR E 280 -9.37 -26.13 4.81
N PHE E 281 -9.77 -27.40 4.70
CA PHE E 281 -10.70 -27.95 5.68
C PHE E 281 -10.19 -29.20 6.42
N ASN E 282 -8.97 -29.62 6.10
CA ASN E 282 -8.37 -30.84 6.66
C ASN E 282 -9.23 -32.08 6.48
N ILE E 283 -9.92 -32.18 5.36
CA ILE E 283 -10.73 -33.35 5.08
C ILE E 283 -9.84 -34.50 4.62
N VAL E 284 -9.86 -35.59 5.37
CA VAL E 284 -9.09 -36.77 5.04
C VAL E 284 -9.85 -37.67 4.06
N ALA E 285 -11.18 -37.74 4.21
CA ALA E 285 -12.04 -38.60 3.41
C ALA E 285 -11.94 -38.34 1.91
N PRO E 286 -11.84 -39.41 1.10
CA PRO E 286 -11.85 -39.17 -0.36
C PRO E 286 -13.23 -38.75 -0.86
N LYS E 287 -13.25 -38.15 -2.05
CA LYS E 287 -14.51 -37.62 -2.61
C LYS E 287 -15.40 -38.76 -3.09
N GLN E 288 -16.58 -38.88 -2.48
CA GLN E 288 -17.59 -39.85 -2.90
C GLN E 288 -18.29 -39.29 -4.13
N THR E 289 -18.15 -40.00 -5.25
CA THR E 289 -18.89 -39.67 -6.49
C THR E 289 -20.41 -39.90 -6.36
N ASN E 290 -21.19 -38.81 -6.47
CA ASN E 290 -22.66 -38.92 -6.49
C ASN E 290 -23.23 -39.67 -7.72
N PHE E 291 -22.40 -39.88 -8.73
CA PHE E 291 -22.87 -40.39 -9.99
C PHE E 291 -22.14 -41.68 -10.36
N THR F 1 -35.30 -10.38 -12.50
CA THR F 1 -36.68 -10.72 -12.00
C THR F 1 -36.65 -11.92 -11.05
N SER F 2 -37.82 -12.23 -10.47
CA SER F 2 -38.01 -13.30 -9.49
C SER F 2 -37.97 -14.74 -10.07
N ALA F 3 -37.59 -14.87 -11.34
CA ALA F 3 -37.31 -16.17 -11.94
C ALA F 3 -36.10 -16.89 -11.31
N SER F 4 -35.18 -16.12 -10.71
CA SER F 4 -34.00 -16.66 -10.02
C SER F 4 -33.95 -16.36 -8.49
N GLY F 5 -35.13 -16.05 -7.93
CA GLY F 5 -35.34 -15.84 -6.47
C GLY F 5 -34.81 -16.93 -5.55
N PRO F 6 -35.13 -18.22 -5.83
CA PRO F 6 -34.60 -19.38 -5.10
C PRO F 6 -33.07 -19.41 -4.90
N GLU F 7 -32.32 -19.15 -5.96
CA GLU F 7 -30.86 -19.15 -5.89
C GLU F 7 -30.36 -17.85 -5.28
N HIS F 8 -31.03 -16.74 -5.56
CA HIS F 8 -30.72 -15.48 -4.89
C HIS F 8 -30.84 -15.62 -3.38
N GLU F 9 -31.93 -16.21 -2.91
CA GLU F 9 -32.14 -16.42 -1.49
C GLU F 9 -31.06 -17.33 -0.90
N PHE F 10 -30.72 -18.39 -1.63
CA PHE F 10 -29.69 -19.30 -1.16
C PHE F 10 -28.30 -18.62 -1.03
N VAL F 11 -27.94 -17.85 -2.06
CA VAL F 11 -26.66 -17.15 -2.07
C VAL F 11 -26.58 -16.13 -0.93
N SER F 12 -27.64 -15.34 -0.81
CA SER F 12 -27.74 -14.31 0.22
C SER F 12 -27.62 -14.86 1.63
N LYS F 13 -28.31 -15.98 1.88
CA LYS F 13 -28.30 -16.61 3.19
C LYS F 13 -26.95 -17.21 3.51
N PHE F 14 -26.37 -17.90 2.52
CA PHE F 14 -25.06 -18.52 2.67
C PHE F 14 -23.99 -17.48 2.98
N LEU F 15 -24.04 -16.36 2.26
CA LEU F 15 -23.08 -15.29 2.47
C LEU F 15 -23.18 -14.71 3.89
N THR F 16 -24.41 -14.53 4.37
CA THR F 16 -24.64 -14.00 5.72
C THR F 16 -24.06 -14.94 6.77
N LEU F 17 -24.42 -16.23 6.67
CA LEU F 17 -23.93 -17.21 7.63
C LEU F 17 -22.40 -17.31 7.61
N ALA F 18 -21.81 -17.25 6.41
CA ALA F 18 -20.37 -17.46 6.23
C ALA F 18 -19.52 -16.30 6.74
N THR F 19 -20.15 -15.15 6.95
CA THR F 19 -19.41 -13.94 7.34
C THR F 19 -19.91 -13.26 8.61
N LEU F 20 -20.79 -13.92 9.37
CA LEU F 20 -21.25 -13.40 10.65
C LEU F 20 -20.12 -13.16 11.63
N THR F 21 -19.17 -14.08 11.67
CA THR F 21 -17.91 -13.79 12.35
C THR F 21 -16.81 -13.76 11.30
N GLU F 22 -15.74 -13.06 11.65
CA GLU F 22 -14.68 -12.76 10.70
C GLU F 22 -14.06 -14.08 10.27
N PRO F 23 -14.08 -14.35 8.94
CA PRO F 23 -13.51 -15.60 8.41
C PRO F 23 -12.09 -15.79 8.89
N LYS F 24 -11.69 -17.03 9.16
CA LYS F 24 -10.33 -17.31 9.66
C LYS F 24 -9.22 -16.62 8.86
N LEU F 25 -9.30 -16.69 7.54
CA LEU F 25 -8.37 -15.95 6.67
C LEU F 25 -9.08 -14.70 6.16
N PRO F 26 -8.50 -13.51 6.44
CA PRO F 26 -9.10 -12.27 5.92
C PRO F 26 -8.92 -12.10 4.38
N LYS F 27 -9.71 -11.23 3.75
CA LYS F 27 -9.58 -10.94 2.31
C LYS F 27 -8.15 -10.58 1.91
N SER F 28 -7.45 -9.91 2.81
CA SER F 28 -6.08 -9.47 2.52
C SER F 28 -5.02 -10.53 2.76
N TYR F 29 -5.44 -11.73 3.16
CA TYR F 29 -4.51 -12.80 3.48
C TYR F 29 -3.71 -13.24 2.26
N THR F 30 -2.40 -13.33 2.42
CA THR F 30 -1.53 -13.87 1.39
C THR F 30 -0.50 -14.77 2.07
N LYS F 31 -0.50 -16.07 1.76
CA LYS F 31 0.59 -16.93 2.21
C LYS F 31 1.86 -16.43 1.54
N PRO F 32 2.92 -16.14 2.33
CA PRO F 32 4.14 -15.63 1.69
C PRO F 32 4.59 -16.62 0.63
N LEU F 33 4.86 -16.11 -0.56
CA LEU F 33 5.24 -16.97 -1.67
C LEU F 33 6.52 -17.78 -1.39
N LYS F 34 7.33 -17.30 -0.44
CA LYS F 34 8.48 -18.04 0.08
C LYS F 34 8.08 -19.38 0.70
N ASP F 35 6.85 -19.48 1.18
CA ASP F 35 6.40 -20.65 1.94
C ASP F 35 5.56 -21.58 1.09
N VAL F 36 5.34 -21.21 -0.17
CA VAL F 36 4.48 -21.99 -1.03
C VAL F 36 5.24 -23.25 -1.44
N THR F 37 4.65 -24.40 -1.11
CA THR F 37 5.34 -25.67 -1.15
C THR F 37 4.89 -26.53 -2.32
N ASN F 38 3.65 -26.34 -2.76
CA ASN F 38 3.15 -27.01 -3.98
C ASN F 38 2.02 -26.22 -4.63
N LEU F 39 1.63 -26.64 -5.84
CA LEU F 39 0.75 -25.87 -6.71
C LEU F 39 -0.64 -26.45 -6.89
N GLY F 40 -1.04 -27.31 -5.97
CA GLY F 40 -2.35 -27.95 -6.01
C GLY F 40 -2.50 -29.01 -7.09
N VAL F 41 -3.66 -28.99 -7.71
CA VAL F 41 -4.04 -30.03 -8.67
C VAL F 41 -3.98 -29.45 -10.08
N PRO F 42 -3.47 -30.23 -11.05
CA PRO F 42 -3.46 -29.71 -12.42
C PRO F 42 -4.87 -29.39 -12.88
N LEU F 43 -5.03 -28.26 -13.56
CA LEU F 43 -6.32 -27.83 -14.09
C LEU F 43 -6.53 -28.44 -15.46
N PRO F 44 -7.79 -28.58 -15.90
CA PRO F 44 -8.01 -29.20 -17.22
C PRO F 44 -7.43 -28.36 -18.39
N THR F 45 -7.16 -29.01 -19.51
CA THR F 45 -6.85 -28.31 -20.76
C THR F 45 -8.11 -27.65 -21.28
N LEU F 46 -7.99 -26.42 -21.79
CA LEU F 46 -9.11 -25.75 -22.43
C LEU F 46 -9.34 -26.26 -23.86
N LYS F 47 -10.60 -26.33 -24.29
CA LYS F 47 -10.91 -26.84 -25.63
C LYS F 47 -10.40 -25.90 -26.71
N TYR F 48 -10.29 -24.62 -26.36
CA TYR F 48 -9.97 -23.54 -27.30
C TYR F 48 -8.47 -23.39 -27.53
N LYS F 49 -8.07 -23.25 -28.80
CA LYS F 49 -6.69 -22.94 -29.15
C LYS F 49 -6.41 -21.47 -28.85
N TYR F 50 -5.14 -21.16 -28.56
CA TYR F 50 -4.75 -19.79 -28.27
C TYR F 50 -3.92 -19.18 -29.40
N LYS F 51 -4.29 -17.99 -29.86
CA LYS F 51 -3.52 -17.25 -30.88
C LYS F 51 -3.46 -15.75 -30.58
N GLN F 52 -3.08 -14.94 -31.57
CA GLN F 52 -3.10 -13.47 -31.42
C GLN F 52 -3.65 -12.68 -32.63
N ASN F 53 -4.93 -12.36 -32.56
CA ASN F 53 -5.62 -11.54 -33.56
C ASN F 53 -5.48 -10.06 -33.21
N ARG F 54 -5.93 -9.17 -34.08
CA ARG F 54 -5.78 -7.72 -33.84
C ARG F 54 -7.09 -6.95 -33.93
N PRO G . 24.12 25.09 -10.35
CA PRO G . 23.05 25.96 -9.86
C PRO G . 22.94 25.86 -8.36
O PRO G . 23.69 25.12 -7.74
CB PRO G . 21.78 25.37 -10.52
CG PRO G . 22.20 24.10 -11.21
CD PRO G . 23.60 23.79 -10.76
OXT PRO G . 22.11 26.49 -7.71
N PRO H . 37.36 -6.77 -9.48
CA PRO H . 36.42 -7.81 -9.06
C PRO H . 35.99 -8.72 -10.22
O PRO H . 36.00 -8.30 -11.37
CB PRO H . 35.20 -7.02 -8.54
CG PRO H . 35.42 -5.60 -8.97
CD PRO H . 36.90 -5.42 -9.11
OXT PRO H . 35.63 -9.87 -10.01
#